data_7VEL
#
_entry.id   7VEL
#
_cell.length_a   94.218
_cell.length_b   103.851
_cell.length_c   110.009
_cell.angle_alpha   90.000
_cell.angle_beta   90.000
_cell.angle_gamma   90.000
#
_symmetry.space_group_name_H-M   'P 21 21 21'
#
loop_
_entity.id
_entity.type
_entity.pdbx_description
1 polymer Glycosyltransferase
2 non-polymer 1,2-ETHANEDIOL
3 non-polymer 1,4,7,10,13,16-HEXAOXACYCLOOCTADECANE
4 non-polymer 'POTASSIUM ION'
5 non-polymer "URIDINE-5'-DIPHOSPHATE-2-DEOXY-2-FLUORO-ALPHA-D-GLUCOSE"
6 water water
#
_entity_poly.entity_id   1
_entity_poly.type   'polypeptide(L)'
_entity_poly.pdbx_seq_one_letter_code
;MNHKVHHHHHHLQENLYFQGMGAEPQQLHVVFFPIMAHGHMIPTLDIARLFAARNVRATIITTPLNAHTFTKAIEMGKKN
GSPTIHLELFKFPAQDVGLPEGCENLEQALGSSLIEKFFKGVGLLREQLEAYLEKTRPNCLVADMFFPWATDSAAKFNIP
RLVFHGTSFFSLCALEVVRLYEPHKNVSSDEELFSLPLFPHDIKMMRLQLPEDVWKHEKAEGKTRLKLIKESELKSYGVI
VNSFYELEPNYAEFFRKELGRRAWNIGPVSLCNRSTEDKAQRGKQTSIDEHECLKWLNSKKKNSVIYICFGSTAHQIAPQ
LYEIAMALEASGQEFIWVVRNNNNNDDDDDDSWLPRGFEQRVEGKGLIIRGWAPQVLILEHEAIGAFVTHCGWNSTLEGI
TAGVPMVTWPIFAEQFYNEKLVNQILKIGVPVGANKWSRETSIEDVIKKDAIEKALREIMVGDEAEERRSRAKKLKEMAW
KAVEEGGSSYSDLSALIEELRGYHA
;
_entity_poly.pdbx_strand_id   A,B
#
loop_
_chem_comp.id
_chem_comp.type
_chem_comp.name
_chem_comp.formula
EDO non-polymer 1,2-ETHANEDIOL 'C2 H6 O2'
K non-polymer 'POTASSIUM ION' 'K 1'
O4B non-polymer 1,4,7,10,13,16-HEXAOXACYCLOOCTADECANE 'C12 H24 O6'
U2F non-polymer URIDINE-5'-DIPHOSPHATE-2-DEOXY-2-FLUORO-ALPHA-D-GLUCOSE 'C15 H23 F N2 O16 P2'
#
# COMPACT_ATOMS: atom_id res chain seq x y z
N GLN A 27 -12.61 -1.40 30.37
CA GLN A 27 -11.51 -2.31 30.01
C GLN A 27 -11.45 -2.55 28.51
N LEU A 28 -10.24 -2.57 27.96
CA LEU A 28 -10.07 -2.82 26.54
C LEU A 28 -10.34 -4.29 26.22
N HIS A 29 -10.98 -4.54 25.07
CA HIS A 29 -11.28 -5.90 24.63
C HIS A 29 -10.70 -6.14 23.24
N VAL A 30 -9.85 -7.17 23.13
CA VAL A 30 -9.22 -7.57 21.89
C VAL A 30 -9.58 -9.02 21.65
N VAL A 31 -10.08 -9.31 20.44
CA VAL A 31 -10.46 -10.65 20.05
C VAL A 31 -9.40 -11.18 19.11
N PHE A 32 -8.93 -12.40 19.36
CA PHE A 32 -7.89 -13.05 18.57
C PHE A 32 -8.48 -14.20 17.79
N PHE A 33 -8.15 -14.27 16.50
CA PHE A 33 -8.79 -15.20 15.56
C PHE A 33 -7.70 -15.82 14.71
N PRO A 34 -7.03 -16.85 15.24
CA PRO A 34 -6.00 -17.54 14.46
C PRO A 34 -6.64 -18.62 13.60
N ILE A 35 -5.91 -19.00 12.54
CA ILE A 35 -6.33 -20.14 11.76
C ILE A 35 -6.05 -21.40 12.56
N MET A 36 -6.82 -22.46 12.30
CA MET A 36 -6.68 -23.70 13.06
C MET A 36 -5.45 -24.44 12.57
N ALA A 37 -4.29 -23.97 13.02
CA ALA A 37 -3.00 -24.61 12.79
C ALA A 37 -2.16 -24.40 14.03
N HIS A 38 -1.50 -25.46 14.50
CA HIS A 38 -0.76 -25.40 15.75
C HIS A 38 0.25 -24.25 15.76
N GLY A 39 0.96 -24.06 14.64
CA GLY A 39 1.96 -23.02 14.52
C GLY A 39 1.44 -21.60 14.56
N HIS A 40 0.14 -21.40 14.34
CA HIS A 40 -0.49 -20.11 14.51
C HIS A 40 -1.24 -19.98 15.81
N MET A 41 -1.75 -21.10 16.31
CA MET A 41 -2.55 -21.06 17.53
C MET A 41 -1.67 -20.79 18.76
N ILE A 42 -0.52 -21.44 18.85
CA ILE A 42 0.28 -21.29 20.07
C ILE A 42 0.79 -19.86 20.20
N PRO A 43 1.46 -19.29 19.18
CA PRO A 43 1.86 -17.88 19.31
C PRO A 43 0.70 -16.92 19.49
N THR A 44 -0.45 -17.22 18.89
CA THR A 44 -1.59 -16.34 19.14
C THR A 44 -1.99 -16.38 20.61
N LEU A 45 -1.96 -17.56 21.23
CA LEU A 45 -2.22 -17.64 22.66
C LEU A 45 -1.20 -16.83 23.45
N ASP A 46 0.07 -16.91 23.07
CA ASP A 46 1.08 -16.12 23.79
C ASP A 46 0.81 -14.63 23.66
N ILE A 47 0.40 -14.17 22.46
CA ILE A 47 0.04 -12.77 22.31
C ILE A 47 -1.15 -12.42 23.20
N ALA A 48 -2.14 -13.31 23.24
CA ALA A 48 -3.29 -13.07 24.12
C ALA A 48 -2.84 -12.94 25.57
N ARG A 49 -1.89 -13.77 26.00
CA ARG A 49 -1.40 -13.69 27.37
C ARG A 49 -0.64 -12.40 27.61
N LEU A 50 0.15 -11.96 26.63
CA LEU A 50 0.86 -10.68 26.74
C LEU A 50 -0.12 -9.53 26.92
N PHE A 51 -1.19 -9.51 26.11
CA PHE A 51 -2.22 -8.48 26.27
C PHE A 51 -2.90 -8.60 27.62
N ALA A 52 -3.19 -9.83 28.06
CA ALA A 52 -3.91 -10.03 29.31
C ALA A 52 -3.12 -9.50 30.50
N ALA A 53 -1.81 -9.73 30.49
CA ALA A 53 -0.96 -9.25 31.57
C ALA A 53 -0.91 -7.73 31.65
N ARG A 54 -1.32 -7.04 30.59
CA ARG A 54 -1.46 -5.59 30.60
C ARG A 54 -2.90 -5.15 30.91
N ASN A 55 -3.67 -6.02 31.56
CA ASN A 55 -5.04 -5.71 31.98
C ASN A 55 -5.95 -5.44 30.77
N VAL A 56 -5.74 -6.19 29.70
CA VAL A 56 -6.60 -6.17 28.52
C VAL A 56 -7.40 -7.46 28.48
N ARG A 57 -8.69 -7.36 28.18
CA ARG A 57 -9.53 -8.55 28.04
C ARG A 57 -9.23 -9.21 26.70
N ALA A 58 -8.87 -10.49 26.74
CA ALA A 58 -8.45 -11.22 25.55
C ALA A 58 -9.34 -12.44 25.35
N THR A 59 -9.91 -12.55 24.15
CA THR A 59 -10.75 -13.67 23.75
C THR A 59 -10.16 -14.31 22.50
N ILE A 60 -10.06 -15.64 22.50
CA ILE A 60 -9.54 -16.40 21.36
C ILE A 60 -10.67 -17.20 20.74
N ILE A 61 -10.86 -17.03 19.45
CA ILE A 61 -11.84 -17.81 18.70
C ILE A 61 -11.18 -19.08 18.19
N THR A 62 -11.81 -20.22 18.45
CA THR A 62 -11.31 -21.51 17.97
C THR A 62 -12.52 -22.38 17.60
N THR A 63 -12.29 -23.67 17.37
CA THR A 63 -13.34 -24.63 17.05
C THR A 63 -13.34 -25.76 18.08
N PRO A 64 -14.43 -26.54 18.17
CA PRO A 64 -14.52 -27.55 19.24
C PRO A 64 -13.37 -28.56 19.29
N LEU A 65 -12.92 -29.10 18.16
CA LEU A 65 -11.87 -30.10 18.22
C LEU A 65 -10.49 -29.49 18.45
N ASN A 66 -10.37 -28.17 18.36
CA ASN A 66 -9.11 -27.51 18.65
C ASN A 66 -9.06 -26.92 20.06
N ALA A 67 -10.20 -26.79 20.74
CA ALA A 67 -10.21 -26.08 22.04
C ALA A 67 -9.23 -26.69 23.04
N HIS A 68 -9.02 -28.01 22.96
CA HIS A 68 -8.15 -28.68 23.92
C HIS A 68 -6.73 -28.10 23.93
N THR A 69 -6.24 -27.64 22.79
CA THR A 69 -4.91 -27.04 22.73
C THR A 69 -4.81 -25.85 23.67
N PHE A 70 -5.76 -24.93 23.57
CA PHE A 70 -5.78 -23.76 24.42
C PHE A 70 -6.06 -24.12 25.88
N THR A 71 -7.01 -25.03 26.10
CA THR A 71 -7.33 -25.41 27.47
C THR A 71 -6.10 -25.97 28.18
N LYS A 72 -5.38 -26.88 27.53
CA LYS A 72 -4.15 -27.41 28.10
C LYS A 72 -3.14 -26.30 28.34
N ALA A 73 -2.91 -25.45 27.34
CA ALA A 73 -1.86 -24.45 27.49
C ALA A 73 -2.24 -23.31 28.42
N ILE A 74 -3.50 -23.24 28.88
CA ILE A 74 -3.88 -22.18 29.81
C ILE A 74 -3.42 -22.50 31.23
N GLU A 75 -3.69 -23.71 31.70
CA GLU A 75 -3.28 -24.17 33.03
C GLU A 75 -3.86 -23.28 34.14
N SER A 82 -2.84 -15.58 37.37
CA SER A 82 -2.72 -15.14 35.97
C SER A 82 -4.09 -14.75 35.42
N PRO A 83 -4.13 -13.71 34.58
CA PRO A 83 -5.42 -13.25 34.06
C PRO A 83 -6.09 -14.32 33.20
N THR A 84 -7.41 -14.14 33.01
CA THR A 84 -8.23 -15.18 32.39
C THR A 84 -8.34 -14.96 30.90
N ILE A 85 -7.88 -15.94 30.12
CA ILE A 85 -8.06 -15.94 28.67
C ILE A 85 -9.40 -16.61 28.37
N HIS A 86 -10.25 -15.91 27.61
CA HIS A 86 -11.56 -16.45 27.27
C HIS A 86 -11.52 -17.09 25.89
N LEU A 87 -12.30 -18.16 25.73
CA LEU A 87 -12.40 -18.91 24.49
C LEU A 87 -13.81 -18.79 23.93
N GLU A 88 -13.91 -18.76 22.61
CA GLU A 88 -15.19 -18.75 21.92
C GLU A 88 -15.13 -19.76 20.78
N LEU A 89 -16.07 -20.70 20.79
CA LEU A 89 -16.05 -21.80 19.84
C LEU A 89 -16.95 -21.49 18.65
N PHE A 90 -16.39 -21.59 17.45
CA PHE A 90 -17.15 -21.50 16.22
C PHE A 90 -17.32 -22.90 15.66
N LYS A 91 -18.43 -23.10 14.94
CA LYS A 91 -18.65 -24.35 14.24
C LYS A 91 -17.91 -24.29 12.90
N PHE A 92 -17.12 -25.32 12.64
CA PHE A 92 -16.39 -25.43 11.39
C PHE A 92 -17.20 -26.21 10.38
N PRO A 93 -17.52 -25.66 9.21
CA PRO A 93 -18.41 -26.32 8.24
C PRO A 93 -17.69 -27.37 7.38
N ALA A 94 -17.20 -28.42 8.04
CA ALA A 94 -16.46 -29.46 7.32
C ALA A 94 -17.32 -30.14 6.25
N GLN A 95 -18.58 -30.45 6.59
CA GLN A 95 -19.45 -31.15 5.64
C GLN A 95 -19.77 -30.28 4.44
N ASP A 96 -20.01 -28.99 4.65
CA ASP A 96 -20.37 -28.10 3.55
C ASP A 96 -19.28 -28.05 2.48
N VAL A 97 -18.02 -28.25 2.87
CA VAL A 97 -16.91 -28.20 1.91
C VAL A 97 -16.41 -29.57 1.53
N GLY A 98 -17.05 -30.64 2.02
CA GLY A 98 -16.67 -31.98 1.65
C GLY A 98 -15.49 -32.55 2.41
N LEU A 99 -15.20 -32.03 3.61
CA LEU A 99 -14.15 -32.54 4.48
C LEU A 99 -14.73 -33.56 5.45
N PRO A 100 -13.93 -34.52 5.92
CA PRO A 100 -14.39 -35.37 7.02
C PRO A 100 -14.75 -34.51 8.23
N GLU A 101 -15.79 -34.93 8.96
CA GLU A 101 -16.24 -34.16 10.13
C GLU A 101 -15.09 -33.91 11.10
N GLY A 102 -14.14 -34.84 11.20
CA GLY A 102 -13.01 -34.74 12.11
C GLY A 102 -11.87 -33.85 11.67
N CYS A 103 -11.97 -33.18 10.53
CA CYS A 103 -10.87 -32.38 9.99
C CYS A 103 -11.12 -30.89 10.26
N GLU A 104 -10.75 -30.46 11.48
CA GLU A 104 -10.88 -29.06 11.84
C GLU A 104 -9.53 -28.37 11.96
N ASN A 105 -8.47 -28.98 11.44
CA ASN A 105 -7.12 -28.49 11.64
C ASN A 105 -6.32 -28.63 10.35
N LEU A 106 -5.63 -27.55 9.96
CA LEU A 106 -4.89 -27.53 8.71
C LEU A 106 -3.96 -28.73 8.56
N GLU A 107 -3.38 -29.19 9.66
CA GLU A 107 -2.42 -30.29 9.60
C GLU A 107 -3.06 -31.58 9.08
N GLN A 108 -4.37 -31.77 9.29
CA GLN A 108 -5.05 -32.96 8.82
C GLN A 108 -5.54 -32.84 7.37
N ALA A 109 -5.51 -31.65 6.78
CA ALA A 109 -5.91 -31.46 5.40
C ALA A 109 -4.70 -31.74 4.51
N LEU A 110 -4.48 -33.02 4.22
CA LEU A 110 -3.36 -33.45 3.39
C LEU A 110 -3.77 -33.55 1.93
N GLY A 111 -3.00 -32.90 1.07
CA GLY A 111 -3.25 -32.93 -0.36
C GLY A 111 -3.92 -31.65 -0.84
N SER A 112 -3.69 -31.33 -2.13
CA SER A 112 -4.24 -30.11 -2.70
C SER A 112 -5.76 -30.07 -2.56
N SER A 113 -6.42 -31.20 -2.80
CA SER A 113 -7.87 -31.27 -2.66
C SER A 113 -8.30 -30.87 -1.25
N LEU A 114 -7.74 -31.56 -0.26
CA LEU A 114 -8.13 -31.30 1.12
C LEU A 114 -7.77 -29.89 1.56
N ILE A 115 -6.63 -29.36 1.09
CA ILE A 115 -6.20 -28.03 1.54
C ILE A 115 -7.09 -26.96 0.95
N GLU A 116 -7.46 -27.09 -0.33
CA GLU A 116 -8.40 -26.13 -0.91
C GLU A 116 -9.75 -26.21 -0.22
N LYS A 117 -10.18 -27.42 0.13
CA LYS A 117 -11.41 -27.55 0.91
C LYS A 117 -11.28 -26.88 2.27
N PHE A 118 -10.14 -27.07 2.94
CA PHE A 118 -9.94 -26.43 4.23
C PHE A 118 -10.03 -24.91 4.12
N PHE A 119 -9.41 -24.32 3.09
CA PHE A 119 -9.48 -22.87 2.99
C PHE A 119 -10.86 -22.37 2.62
N LYS A 120 -11.61 -23.12 1.79
CA LYS A 120 -13.01 -22.75 1.59
C LYS A 120 -13.78 -22.81 2.91
N GLY A 121 -13.53 -23.86 3.69
CA GLY A 121 -14.19 -23.98 4.99
C GLY A 121 -13.92 -22.79 5.89
N VAL A 122 -12.65 -22.41 6.01
CA VAL A 122 -12.34 -21.30 6.93
C VAL A 122 -12.91 -20.00 6.39
N GLY A 123 -12.96 -19.83 5.06
CA GLY A 123 -13.62 -18.66 4.53
C GLY A 123 -15.08 -18.60 4.93
N LEU A 124 -15.70 -19.77 5.10
CA LEU A 124 -17.11 -19.80 5.50
C LEU A 124 -17.34 -19.45 6.97
N LEU A 125 -16.29 -19.15 7.75
CA LEU A 125 -16.46 -18.72 9.13
C LEU A 125 -16.84 -17.24 9.25
N ARG A 126 -16.90 -16.54 8.12
CA ARG A 126 -17.08 -15.09 8.13
C ARG A 126 -18.38 -14.70 8.82
N GLU A 127 -19.44 -15.48 8.62
CA GLU A 127 -20.74 -15.12 9.19
C GLU A 127 -20.73 -15.24 10.71
N GLN A 128 -20.18 -16.33 11.22
CA GLN A 128 -20.05 -16.45 12.67
C GLN A 128 -19.17 -15.33 13.23
N LEU A 129 -18.12 -14.94 12.50
CA LEU A 129 -17.26 -13.85 12.97
C LEU A 129 -18.05 -12.55 13.08
N GLU A 130 -18.79 -12.21 12.02
CA GLU A 130 -19.54 -10.95 12.03
C GLU A 130 -20.64 -10.96 13.08
N ALA A 131 -21.28 -12.12 13.30
CA ALA A 131 -22.24 -12.24 14.40
C ALA A 131 -21.57 -11.99 15.76
N TYR A 132 -20.41 -12.62 15.99
CA TYR A 132 -19.74 -12.46 17.28
C TYR A 132 -19.28 -11.01 17.48
N LEU A 133 -18.82 -10.35 16.41
CA LEU A 133 -18.36 -8.97 16.54
C LEU A 133 -19.53 -8.05 16.83
N GLU A 134 -20.68 -8.26 16.16
CA GLU A 134 -21.86 -7.47 16.47
C GLU A 134 -22.29 -7.67 17.92
N LYS A 135 -22.25 -8.91 18.39
CA LYS A 135 -22.70 -9.19 19.76
C LYS A 135 -21.79 -8.55 20.80
N THR A 136 -20.46 -8.66 20.63
CA THR A 136 -19.56 -8.28 21.70
C THR A 136 -18.93 -6.91 21.55
N ARG A 137 -18.83 -6.39 20.32
CA ARG A 137 -18.25 -5.08 20.04
C ARG A 137 -16.90 -4.87 20.74
N PRO A 138 -15.89 -5.67 20.42
CA PRO A 138 -14.57 -5.49 21.06
C PRO A 138 -13.86 -4.28 20.46
N ASN A 139 -12.79 -3.88 21.15
CA ASN A 139 -12.02 -2.73 20.69
C ASN A 139 -11.05 -3.08 19.56
N CYS A 140 -10.67 -4.33 19.40
CA CYS A 140 -9.76 -4.65 18.30
C CYS A 140 -9.90 -6.12 17.90
N LEU A 141 -9.67 -6.39 16.63
CA LEU A 141 -9.61 -7.77 16.13
C LEU A 141 -8.21 -8.06 15.62
N VAL A 142 -7.54 -9.03 16.22
CA VAL A 142 -6.27 -9.56 15.74
C VAL A 142 -6.60 -10.84 14.97
N ALA A 143 -6.45 -10.82 13.65
CA ALA A 143 -6.86 -11.96 12.84
C ALA A 143 -5.69 -12.50 12.03
N ASP A 144 -5.68 -13.82 11.90
CA ASP A 144 -4.69 -14.54 11.13
C ASP A 144 -4.56 -13.98 9.71
N MET A 145 -3.33 -14.03 9.21
CA MET A 145 -3.06 -13.64 7.82
C MET A 145 -3.98 -14.34 6.83
N PHE A 146 -4.43 -15.56 7.14
CA PHE A 146 -5.27 -16.29 6.20
C PHE A 146 -6.70 -15.78 6.14
N PHE A 147 -7.06 -14.72 6.88
CA PHE A 147 -8.40 -14.14 6.86
C PHE A 147 -8.34 -12.68 6.38
N PRO A 148 -8.02 -12.44 5.10
CA PRO A 148 -8.01 -11.04 4.61
C PRO A 148 -9.37 -10.35 4.76
N TRP A 149 -10.46 -11.10 4.51
CA TRP A 149 -11.81 -10.55 4.65
C TRP A 149 -12.10 -10.06 6.06
N ALA A 150 -11.36 -10.55 7.08
CA ALA A 150 -11.62 -10.10 8.43
C ALA A 150 -11.52 -8.59 8.55
N THR A 151 -10.64 -7.95 7.74
CA THR A 151 -10.57 -6.49 7.77
C THR A 151 -11.97 -5.89 7.57
N ASP A 152 -12.61 -6.21 6.45
CA ASP A 152 -13.95 -5.69 6.19
C ASP A 152 -14.94 -6.11 7.27
N SER A 153 -14.81 -7.35 7.77
CA SER A 153 -15.74 -7.81 8.78
C SER A 153 -15.67 -6.92 10.01
N ALA A 154 -14.47 -6.48 10.38
CA ALA A 154 -14.36 -5.59 11.53
C ALA A 154 -14.77 -4.18 11.19
N ALA A 155 -14.57 -3.78 9.93
CA ALA A 155 -14.94 -2.42 9.52
C ALA A 155 -16.44 -2.20 9.62
N LYS A 156 -17.24 -3.26 9.43
CA LYS A 156 -18.69 -3.15 9.60
C LYS A 156 -19.06 -2.59 10.96
N PHE A 157 -18.19 -2.74 11.96
CA PHE A 157 -18.48 -2.24 13.30
C PHE A 157 -17.44 -1.22 13.77
N ASN A 158 -16.72 -0.63 12.82
CA ASN A 158 -15.70 0.39 13.08
C ASN A 158 -14.67 -0.10 14.11
N ILE A 159 -14.27 -1.34 13.95
CA ILE A 159 -13.27 -2.00 14.80
C ILE A 159 -11.99 -2.14 13.98
N PRO A 160 -10.83 -1.73 14.51
CA PRO A 160 -9.59 -1.93 13.77
C PRO A 160 -9.17 -3.39 13.76
N ARG A 161 -8.62 -3.83 12.63
CA ARG A 161 -8.12 -5.18 12.45
C ARG A 161 -6.60 -5.15 12.28
N LEU A 162 -5.93 -6.00 13.04
CA LEU A 162 -4.50 -6.26 12.93
C LEU A 162 -4.27 -7.62 12.29
N VAL A 163 -3.29 -7.72 11.42
CA VAL A 163 -2.89 -8.98 10.81
C VAL A 163 -1.81 -9.64 11.68
N PHE A 164 -1.93 -10.95 11.90
CA PHE A 164 -0.80 -11.69 12.48
C PHE A 164 -0.39 -12.83 11.56
N HIS A 165 0.89 -12.84 11.14
CA HIS A 165 1.42 -13.90 10.28
C HIS A 165 2.14 -15.00 11.04
N GLY A 166 2.88 -14.67 12.11
CA GLY A 166 3.65 -15.67 12.81
C GLY A 166 5.01 -16.00 12.23
N THR A 167 5.58 -15.10 11.43
CA THR A 167 6.87 -15.34 10.78
C THR A 167 7.72 -14.08 10.90
N SER A 168 8.91 -14.13 10.32
CA SER A 168 9.90 -13.09 10.45
C SER A 168 9.60 -11.92 9.51
N PHE A 169 10.11 -10.73 9.88
CA PHE A 169 10.08 -9.59 8.96
C PHE A 169 10.66 -9.97 7.62
N PHE A 170 11.76 -10.72 7.64
CA PHE A 170 12.47 -11.06 6.41
C PHE A 170 11.59 -11.84 5.45
N SER A 171 10.88 -12.85 5.95
CA SER A 171 9.99 -13.62 5.08
C SER A 171 8.85 -12.76 4.57
N LEU A 172 8.28 -11.92 5.42
CA LEU A 172 7.22 -11.01 4.96
C LEU A 172 7.72 -10.16 3.78
N CYS A 173 8.92 -9.59 3.93
CA CYS A 173 9.50 -8.75 2.89
C CYS A 173 9.82 -9.55 1.64
N ALA A 174 10.49 -10.68 1.80
CA ALA A 174 10.96 -11.42 0.63
C ALA A 174 9.80 -11.97 -0.16
N LEU A 175 8.78 -12.47 0.53
CA LEU A 175 7.58 -12.92 -0.14
C LEU A 175 6.92 -11.78 -0.91
N GLU A 176 6.82 -10.59 -0.30
CA GLU A 176 6.18 -9.50 -1.03
C GLU A 176 7.01 -9.06 -2.24
N VAL A 177 8.34 -9.04 -2.10
CA VAL A 177 9.19 -8.60 -3.19
C VAL A 177 9.14 -9.62 -4.34
N VAL A 178 9.09 -10.91 -4.01
CA VAL A 178 8.99 -11.94 -5.03
C VAL A 178 7.64 -11.88 -5.74
N ARG A 179 6.57 -11.67 -4.99
CA ARG A 179 5.25 -11.53 -5.62
C ARG A 179 5.22 -10.33 -6.56
N LEU A 180 5.82 -9.21 -6.15
CA LEU A 180 5.67 -8.00 -6.94
C LEU A 180 6.58 -7.99 -8.16
N TYR A 181 7.83 -8.44 -8.00
CA TYR A 181 8.80 -8.30 -9.09
C TYR A 181 8.96 -9.57 -9.92
N GLU A 182 8.49 -10.70 -9.44
CA GLU A 182 8.56 -11.98 -10.16
C GLU A 182 9.93 -12.23 -10.79
N PRO A 183 11.03 -12.16 -10.03
CA PRO A 183 12.35 -12.35 -10.65
C PRO A 183 12.59 -13.77 -11.14
N HIS A 184 11.66 -14.69 -10.85
CA HIS A 184 11.78 -16.06 -11.32
C HIS A 184 11.42 -16.24 -12.79
N LYS A 185 10.87 -15.21 -13.43
CA LYS A 185 10.56 -15.29 -14.84
C LYS A 185 11.74 -14.91 -15.74
N ASN A 186 12.80 -14.35 -15.16
CA ASN A 186 14.06 -14.09 -15.87
C ASN A 186 15.03 -15.25 -15.77
N VAL A 187 14.53 -16.48 -15.91
CA VAL A 187 15.29 -17.68 -15.58
C VAL A 187 14.91 -18.77 -16.56
N SER A 188 15.91 -19.59 -16.95
CA SER A 188 15.73 -20.59 -17.98
C SER A 188 15.70 -22.02 -17.45
N SER A 189 16.27 -22.28 -16.28
CA SER A 189 16.39 -23.62 -15.74
C SER A 189 15.95 -23.64 -14.28
N ASP A 190 15.67 -24.84 -13.78
CA ASP A 190 15.10 -24.97 -12.44
C ASP A 190 16.03 -24.43 -11.36
N GLU A 191 17.35 -24.61 -11.52
CA GLU A 191 18.28 -24.23 -10.47
C GLU A 191 19.05 -22.95 -10.79
N GLU A 192 18.69 -22.25 -11.86
CA GLU A 192 19.30 -20.96 -12.13
C GLU A 192 19.02 -20.00 -10.99
N LEU A 193 20.08 -19.37 -10.48
CA LEU A 193 19.97 -18.46 -9.35
C LEU A 193 19.62 -17.05 -9.81
N PHE A 194 18.81 -16.37 -9.00
CA PHE A 194 18.49 -14.95 -9.15
C PHE A 194 18.60 -14.27 -7.79
N SER A 195 18.87 -12.98 -7.80
CA SER A 195 18.90 -12.19 -6.58
C SER A 195 17.51 -11.67 -6.25
N LEU A 196 17.27 -11.42 -4.96
CA LEU A 196 16.02 -10.80 -4.55
C LEU A 196 16.12 -9.28 -4.70
N PRO A 197 15.20 -8.66 -5.43
CA PRO A 197 15.31 -7.21 -5.67
C PRO A 197 15.27 -6.38 -4.39
N LEU A 198 15.90 -5.21 -4.47
CA LEU A 198 15.77 -4.10 -3.51
C LEU A 198 16.45 -4.36 -2.17
N PHE A 199 16.70 -5.63 -1.84
CA PHE A 199 17.14 -5.97 -0.51
C PHE A 199 18.55 -5.45 -0.24
N PRO A 200 18.83 -5.05 1.01
CA PRO A 200 20.19 -4.61 1.37
C PRO A 200 21.20 -5.74 1.52
N HIS A 201 20.79 -6.99 1.37
CA HIS A 201 21.69 -8.11 1.20
C HIS A 201 21.43 -8.74 -0.16
N ASP A 202 22.46 -9.34 -0.74
CA ASP A 202 22.30 -10.11 -1.97
C ASP A 202 21.89 -11.53 -1.57
N ILE A 203 20.65 -11.88 -1.87
CA ILE A 203 20.08 -13.18 -1.53
C ILE A 203 19.77 -13.90 -2.83
N LYS A 204 20.44 -15.03 -3.06
CA LYS A 204 20.30 -15.79 -4.29
C LYS A 204 19.38 -16.98 -4.04
N MET A 205 18.45 -17.19 -4.96
CA MET A 205 17.49 -18.29 -4.84
C MET A 205 17.19 -18.85 -6.23
N MET A 206 16.61 -20.03 -6.24
CA MET A 206 16.20 -20.71 -7.45
C MET A 206 14.71 -20.99 -7.41
N ARG A 207 14.12 -21.17 -8.60
CA ARG A 207 12.68 -21.37 -8.66
C ARG A 207 12.26 -22.72 -8.05
N LEU A 208 13.18 -23.65 -7.85
CA LEU A 208 12.84 -24.88 -7.12
C LEU A 208 12.44 -24.57 -5.69
N GLN A 209 13.01 -23.51 -5.10
CA GLN A 209 12.69 -23.11 -3.75
C GLN A 209 11.34 -22.38 -3.66
N LEU A 210 10.68 -22.14 -4.80
CA LEU A 210 9.37 -21.51 -4.82
C LEU A 210 8.31 -22.55 -5.15
N PRO A 211 7.06 -22.35 -4.70
CA PRO A 211 6.01 -23.33 -5.02
C PRO A 211 5.73 -23.39 -6.52
N GLU A 212 5.58 -24.61 -7.04
CA GLU A 212 5.35 -24.81 -8.47
C GLU A 212 4.05 -24.16 -8.93
N ASP A 213 3.10 -23.94 -8.03
CA ASP A 213 1.87 -23.22 -8.34
C ASP A 213 2.10 -21.72 -8.59
N VAL A 214 3.34 -21.27 -8.78
CA VAL A 214 3.64 -19.87 -9.01
C VAL A 214 4.51 -19.72 -10.25
N TRP A 215 5.50 -20.60 -10.41
CA TRP A 215 6.48 -20.47 -11.48
C TRP A 215 6.36 -21.52 -12.58
N LYS A 216 5.69 -22.65 -12.33
CA LYS A 216 5.60 -23.74 -13.30
C LYS A 216 4.22 -23.80 -13.91
N HIS A 217 3.21 -24.25 -13.16
CA HIS A 217 1.83 -24.31 -13.63
C HIS A 217 1.02 -23.38 -12.73
N GLU A 218 0.84 -22.14 -13.18
CA GLU A 218 0.17 -21.12 -12.40
C GLU A 218 -1.30 -21.46 -12.14
N LYS A 219 -1.63 -21.77 -10.90
CA LYS A 219 -3.00 -22.02 -10.48
C LYS A 219 -3.53 -20.75 -9.82
N ALA A 220 -4.60 -20.18 -10.39
CA ALA A 220 -5.07 -18.87 -9.97
C ALA A 220 -5.54 -18.82 -8.52
N GLU A 221 -5.89 -19.97 -7.92
CA GLU A 221 -6.44 -19.96 -6.56
C GLU A 221 -5.40 -19.52 -5.55
N GLY A 222 -4.24 -20.19 -5.54
CA GLY A 222 -3.18 -19.79 -4.62
C GLY A 222 -2.64 -18.41 -4.89
N LYS A 223 -2.53 -18.04 -6.18
CA LYS A 223 -2.05 -16.71 -6.50
C LYS A 223 -2.98 -15.63 -5.98
N THR A 224 -4.29 -15.85 -6.12
CA THR A 224 -5.26 -14.88 -5.64
C THR A 224 -5.25 -14.82 -4.12
N ARG A 225 -5.18 -15.98 -3.47
CA ARG A 225 -5.14 -16.01 -2.01
C ARG A 225 -3.92 -15.23 -1.50
N LEU A 226 -2.77 -15.43 -2.12
CA LEU A 226 -1.56 -14.70 -1.72
C LEU A 226 -1.71 -13.20 -1.97
N LYS A 227 -2.25 -12.82 -3.13
CA LYS A 227 -2.46 -11.40 -3.42
C LYS A 227 -3.30 -10.75 -2.33
N LEU A 228 -4.41 -11.39 -1.96
CA LEU A 228 -5.30 -10.83 -0.94
C LEU A 228 -4.62 -10.80 0.44
N ILE A 229 -3.86 -11.84 0.77
CA ILE A 229 -3.16 -11.83 2.05
C ILE A 229 -2.20 -10.65 2.13
N LYS A 230 -1.37 -10.47 1.10
CA LYS A 230 -0.40 -9.40 1.14
C LYS A 230 -1.08 -8.03 1.10
N GLU A 231 -2.20 -7.90 0.38
CA GLU A 231 -2.91 -6.63 0.34
C GLU A 231 -3.52 -6.28 1.69
N SER A 232 -3.99 -7.28 2.43
CA SER A 232 -4.59 -7.01 3.73
C SER A 232 -3.61 -6.32 4.67
N GLU A 233 -2.31 -6.50 4.46
CA GLU A 233 -1.31 -5.85 5.32
C GLU A 233 -1.36 -4.33 5.19
N LEU A 234 -1.72 -3.82 4.02
CA LEU A 234 -1.88 -2.38 3.84
C LEU A 234 -3.31 -1.92 4.05
N LYS A 235 -4.29 -2.76 3.72
CA LYS A 235 -5.68 -2.33 3.90
C LYS A 235 -6.10 -2.31 5.36
N SER A 236 -5.42 -3.07 6.23
CA SER A 236 -5.82 -3.18 7.63
C SER A 236 -5.21 -2.06 8.47
N TYR A 237 -5.49 -2.10 9.77
CA TYR A 237 -4.90 -1.11 10.67
C TYR A 237 -3.39 -1.30 10.78
N GLY A 238 -2.91 -2.53 10.73
CA GLY A 238 -1.47 -2.77 10.82
C GLY A 238 -1.19 -4.24 11.04
N VAL A 239 0.08 -4.52 11.29
CA VAL A 239 0.59 -5.89 11.38
C VAL A 239 1.30 -6.07 12.73
N ILE A 240 0.92 -7.13 13.47
CA ILE A 240 1.70 -7.59 14.61
C ILE A 240 2.68 -8.66 14.14
N VAL A 241 3.95 -8.53 14.52
CA VAL A 241 5.02 -9.41 14.03
C VAL A 241 5.70 -10.08 15.21
N ASN A 242 5.82 -11.41 15.14
CA ASN A 242 6.49 -12.18 16.19
C ASN A 242 7.99 -12.25 15.92
N SER A 243 8.64 -11.11 16.14
CA SER A 243 10.08 -10.98 16.00
C SER A 243 10.51 -9.84 16.91
N PHE A 244 11.83 -9.60 16.99
CA PHE A 244 12.32 -8.44 17.72
C PHE A 244 13.23 -7.62 16.83
N TYR A 245 13.21 -6.31 17.07
CA TYR A 245 13.85 -5.35 16.15
C TYR A 245 15.32 -5.69 15.93
N GLU A 246 16.05 -5.97 17.01
CA GLU A 246 17.49 -6.15 16.92
C GLU A 246 17.86 -7.42 16.16
N LEU A 247 16.94 -8.37 16.04
CA LEU A 247 17.22 -9.60 15.29
C LEU A 247 17.42 -9.30 13.82
N GLU A 248 16.55 -8.49 13.24
CA GLU A 248 16.53 -8.25 11.79
C GLU A 248 16.17 -6.78 11.55
N PRO A 249 17.00 -5.85 12.04
CA PRO A 249 16.61 -4.43 11.96
C PRO A 249 16.45 -3.93 10.53
N ASN A 250 17.28 -4.42 9.61
CA ASN A 250 17.15 -4.00 8.22
C ASN A 250 15.77 -4.34 7.70
N TYR A 251 15.22 -5.48 8.09
CA TYR A 251 13.96 -5.91 7.51
C TYR A 251 12.77 -5.42 8.31
N ALA A 252 12.95 -5.22 9.62
CA ALA A 252 11.96 -4.47 10.38
C ALA A 252 11.77 -3.07 9.80
N GLU A 253 12.84 -2.47 9.27
CA GLU A 253 12.72 -1.16 8.62
C GLU A 253 12.19 -1.27 7.20
N PHE A 254 12.67 -2.24 6.44
CA PHE A 254 12.20 -2.44 5.07
C PHE A 254 10.69 -2.64 5.03
N PHE A 255 10.15 -3.46 5.96
CA PHE A 255 8.72 -3.73 5.99
C PHE A 255 7.93 -2.45 6.16
N ARG A 256 8.41 -1.54 7.02
CA ARG A 256 7.69 -0.32 7.34
C ARG A 256 7.92 0.78 6.30
N LYS A 257 9.13 0.92 5.80
CA LYS A 257 9.48 2.05 4.94
C LYS A 257 9.28 1.69 3.47
N GLU A 258 10.10 0.80 2.94
CA GLU A 258 10.00 0.46 1.53
C GLU A 258 8.68 -0.21 1.19
N LEU A 259 8.12 -1.02 2.09
CA LEU A 259 6.86 -1.70 1.77
C LEU A 259 5.64 -1.03 2.40
N GLY A 260 5.84 -0.02 3.23
CA GLY A 260 4.76 0.86 3.65
C GLY A 260 3.87 0.35 4.76
N ARG A 261 4.22 -0.76 5.40
CA ARG A 261 3.35 -1.35 6.41
C ARG A 261 3.53 -0.65 7.75
N ARG A 262 2.43 -0.51 8.48
CA ARG A 262 2.44 -0.17 9.89
C ARG A 262 2.56 -1.46 10.69
N ALA A 263 3.55 -1.53 11.58
CA ALA A 263 3.89 -2.80 12.22
C ALA A 263 4.39 -2.57 13.64
N TRP A 264 4.23 -3.59 14.47
CA TRP A 264 4.80 -3.62 15.81
C TRP A 264 5.53 -4.95 16.00
N ASN A 265 6.79 -4.89 16.45
CA ASN A 265 7.55 -6.10 16.76
C ASN A 265 7.47 -6.34 18.26
N ILE A 266 6.88 -7.47 18.65
CA ILE A 266 6.61 -7.74 20.05
C ILE A 266 7.14 -9.11 20.43
N GLY A 267 7.99 -9.69 19.61
CA GLY A 267 8.45 -11.03 19.86
C GLY A 267 9.83 -11.11 20.48
N PRO A 268 10.28 -12.34 20.82
CA PRO A 268 9.53 -13.61 20.75
C PRO A 268 8.44 -13.68 21.80
N VAL A 269 7.20 -13.96 21.38
CA VAL A 269 6.10 -13.89 22.33
C VAL A 269 6.11 -15.08 23.28
N SER A 270 6.82 -16.16 22.92
CA SER A 270 6.88 -17.32 23.81
C SER A 270 7.63 -17.02 25.09
N LEU A 271 8.45 -15.96 25.11
CA LEU A 271 9.12 -15.58 26.34
C LEU A 271 8.17 -15.03 27.38
N CYS A 272 6.91 -14.79 27.02
CA CYS A 272 5.93 -14.32 28.01
C CYS A 272 5.81 -15.31 29.16
N ASN A 273 5.74 -16.60 28.85
CA ASN A 273 5.58 -17.64 29.87
C ASN A 273 6.79 -17.72 30.79
N ARG A 274 7.95 -17.32 30.30
CA ARG A 274 9.22 -17.48 31.03
C ARG A 274 9.80 -16.13 31.44
N HIS A 291 12.57 -34.77 33.98
CA HIS A 291 12.15 -35.29 32.68
C HIS A 291 13.21 -36.23 32.10
N GLU A 292 12.72 -37.28 31.43
CA GLU A 292 13.59 -38.40 31.04
C GLU A 292 14.78 -37.93 30.21
N CYS A 293 14.51 -37.27 29.09
CA CYS A 293 15.60 -36.84 28.20
C CYS A 293 16.47 -35.78 28.86
N LEU A 294 15.91 -34.99 29.78
CA LEU A 294 16.72 -34.02 30.51
C LEU A 294 17.68 -34.73 31.46
N LYS A 295 17.20 -35.72 32.19
CA LYS A 295 18.11 -36.52 33.04
C LYS A 295 19.14 -37.23 32.19
N TRP A 296 18.76 -37.67 30.99
CA TRP A 296 19.73 -38.23 30.05
C TRP A 296 20.82 -37.22 29.72
N LEU A 297 20.42 -36.00 29.35
CA LEU A 297 21.39 -34.98 28.95
C LEU A 297 22.26 -34.51 30.10
N ASN A 298 21.78 -34.61 31.34
CA ASN A 298 22.52 -34.07 32.48
C ASN A 298 23.94 -34.61 32.54
N SER A 299 24.14 -35.88 32.17
CA SER A 299 25.44 -36.53 32.22
C SER A 299 26.24 -36.36 30.93
N LYS A 300 26.05 -35.25 30.22
CA LYS A 300 26.73 -35.02 28.95
C LYS A 300 27.50 -33.72 28.98
N LYS A 301 28.46 -33.62 28.07
CA LYS A 301 29.27 -32.41 27.93
C LYS A 301 28.40 -31.26 27.46
N LYS A 302 28.77 -30.05 27.87
CA LYS A 302 28.09 -28.84 27.40
C LYS A 302 28.23 -28.71 25.88
N ASN A 303 27.10 -28.44 25.21
CA ASN A 303 27.06 -28.11 23.77
C ASN A 303 27.58 -29.24 22.90
N SER A 304 27.27 -30.49 23.28
CA SER A 304 27.79 -31.66 22.58
C SER A 304 26.73 -32.50 21.88
N VAL A 305 25.44 -32.26 22.15
CA VAL A 305 24.35 -33.08 21.64
C VAL A 305 23.60 -32.32 20.55
N ILE A 306 23.22 -33.02 19.48
CA ILE A 306 22.43 -32.45 18.39
C ILE A 306 20.96 -32.82 18.61
N TYR A 307 20.08 -31.83 18.50
CA TYR A 307 18.64 -32.04 18.61
C TYR A 307 18.01 -31.97 17.22
N ILE A 308 17.25 -33.01 16.87
CA ILE A 308 16.59 -33.11 15.58
C ILE A 308 15.09 -33.16 15.81
N CYS A 309 14.35 -32.23 15.20
CA CYS A 309 12.90 -32.24 15.29
C CYS A 309 12.34 -31.41 14.14
N PHE A 310 11.27 -31.89 13.51
CA PHE A 310 10.75 -31.26 12.30
C PHE A 310 9.38 -30.62 12.48
N GLY A 311 9.08 -30.14 13.67
CA GLY A 311 7.91 -29.29 13.85
C GLY A 311 6.70 -30.04 14.38
N SER A 312 5.66 -29.26 14.67
CA SER A 312 4.47 -29.81 15.33
C SER A 312 3.79 -30.86 14.44
N THR A 313 3.73 -30.60 13.14
CA THR A 313 3.14 -31.51 12.18
C THR A 313 4.22 -31.91 11.16
N ALA A 314 4.66 -33.16 11.24
CA ALA A 314 5.71 -33.67 10.37
C ALA A 314 5.14 -34.74 9.44
N HIS A 315 5.16 -34.45 8.14
CA HIS A 315 4.84 -35.42 7.11
C HIS A 315 6.16 -36.02 6.64
N GLN A 316 6.55 -37.16 7.18
CA GLN A 316 7.87 -37.71 6.94
C GLN A 316 7.79 -39.19 6.64
N ILE A 317 8.39 -39.59 5.53
CA ILE A 317 8.25 -40.95 5.00
C ILE A 317 9.43 -41.80 5.44
N ALA A 318 9.22 -43.12 5.41
CA ALA A 318 10.23 -44.05 5.91
C ALA A 318 11.59 -43.92 5.24
N PRO A 319 11.71 -43.77 3.90
CA PRO A 319 13.06 -43.63 3.32
C PRO A 319 13.84 -42.44 3.86
N GLN A 320 13.14 -41.32 4.08
CA GLN A 320 13.83 -40.15 4.62
C GLN A 320 14.32 -40.40 6.02
N LEU A 321 13.47 -41.01 6.86
CA LEU A 321 13.89 -41.33 8.22
C LEU A 321 15.07 -42.27 8.23
N TYR A 322 15.09 -43.24 7.31
CA TYR A 322 16.18 -44.20 7.21
C TYR A 322 17.49 -43.50 6.84
N GLU A 323 17.44 -42.59 5.86
CA GLU A 323 18.64 -41.81 5.53
C GLU A 323 19.13 -41.01 6.73
N ILE A 324 18.19 -40.41 7.47
CA ILE A 324 18.60 -39.64 8.65
C ILE A 324 19.28 -40.53 9.67
N ALA A 325 18.74 -41.74 9.91
CA ALA A 325 19.32 -42.64 10.90
C ALA A 325 20.72 -43.08 10.50
N MET A 326 20.91 -43.44 9.23
CA MET A 326 22.25 -43.79 8.75
C MET A 326 23.21 -42.62 8.91
N ALA A 327 22.78 -41.41 8.58
CA ALA A 327 23.67 -40.26 8.71
C ALA A 327 24.03 -40.01 10.16
N LEU A 328 23.05 -40.15 11.06
CA LEU A 328 23.31 -39.97 12.48
C LEU A 328 24.33 -40.97 12.98
N GLU A 329 24.21 -42.23 12.57
CA GLU A 329 25.18 -43.24 13.00
C GLU A 329 26.57 -42.91 12.47
N ALA A 330 26.66 -42.52 11.19
CA ALA A 330 27.97 -42.19 10.63
C ALA A 330 28.59 -40.95 11.28
N SER A 331 27.77 -40.01 11.75
CA SER A 331 28.32 -38.74 12.24
C SER A 331 29.06 -38.90 13.57
N GLY A 332 28.68 -39.88 14.39
CA GLY A 332 29.30 -40.07 15.68
C GLY A 332 28.81 -39.14 16.77
N GLN A 333 27.96 -38.17 16.45
CA GLN A 333 27.50 -37.19 17.44
C GLN A 333 26.43 -37.78 18.34
N GLU A 334 26.42 -37.34 19.59
CA GLU A 334 25.31 -37.66 20.46
C GLU A 334 24.09 -36.84 20.04
N PHE A 335 22.91 -37.41 20.23
CA PHE A 335 21.74 -36.78 19.63
C PHE A 335 20.46 -37.15 20.37
N ILE A 336 19.50 -36.24 20.30
CA ILE A 336 18.10 -36.50 20.64
C ILE A 336 17.30 -36.31 19.36
N TRP A 337 16.62 -37.36 18.91
CA TRP A 337 15.92 -37.38 17.62
C TRP A 337 14.43 -37.58 17.87
N VAL A 338 13.63 -36.58 17.50
CA VAL A 338 12.19 -36.61 17.70
C VAL A 338 11.53 -37.12 16.42
N VAL A 339 10.83 -38.24 16.53
CA VAL A 339 10.18 -38.90 15.39
C VAL A 339 8.68 -38.97 15.62
N ARG A 340 7.93 -38.82 14.53
CA ARG A 340 6.47 -38.82 14.51
C ARG A 340 5.93 -40.15 15.01
N ASP A 350 9.33 -50.87 12.94
CA ASP A 350 10.44 -49.93 13.07
C ASP A 350 11.58 -50.26 12.11
N ASP A 351 11.71 -51.53 11.76
CA ASP A 351 12.62 -51.89 10.66
C ASP A 351 12.16 -51.33 9.33
N SER A 352 10.94 -50.81 9.26
CA SER A 352 10.47 -50.10 8.08
C SER A 352 11.18 -48.77 7.88
N TRP A 353 11.94 -48.27 8.87
CA TRP A 353 12.67 -47.02 8.68
C TRP A 353 13.98 -46.99 9.47
N LEU A 354 14.21 -47.96 10.35
CA LEU A 354 15.44 -47.99 11.13
C LEU A 354 16.36 -49.12 10.69
N PRO A 355 17.67 -48.89 10.66
CA PRO A 355 18.60 -50.00 10.46
C PRO A 355 18.51 -50.98 11.62
N ARG A 356 18.83 -52.24 11.34
CA ARG A 356 18.72 -53.28 12.34
C ARG A 356 19.65 -53.01 13.51
N GLY A 357 19.11 -53.08 14.72
CA GLY A 357 19.87 -52.86 15.93
C GLY A 357 20.23 -51.42 16.22
N PHE A 358 19.62 -50.47 15.49
CA PHE A 358 20.01 -49.06 15.61
C PHE A 358 19.89 -48.56 17.04
N GLU A 359 18.69 -48.63 17.61
CA GLU A 359 18.45 -48.02 18.92
C GLU A 359 19.36 -48.62 20.00
N GLN A 360 19.67 -49.91 19.89
CA GLN A 360 20.60 -50.51 20.85
C GLN A 360 22.05 -50.19 20.53
N ARG A 361 22.40 -50.13 19.23
CA ARG A 361 23.79 -49.88 18.84
C ARG A 361 24.26 -48.47 19.18
N VAL A 362 23.33 -47.53 19.40
CA VAL A 362 23.68 -46.15 19.76
C VAL A 362 23.23 -45.81 21.17
N GLU A 363 22.75 -46.79 21.94
CA GLU A 363 22.26 -46.54 23.29
C GLU A 363 23.33 -45.82 24.13
N GLY A 364 22.86 -44.92 24.99
CA GLY A 364 23.75 -44.12 25.81
C GLY A 364 24.26 -42.88 25.10
N LYS A 365 24.41 -42.97 23.77
CA LYS A 365 24.85 -41.84 22.96
C LYS A 365 23.70 -41.17 22.22
N GLY A 366 22.78 -41.97 21.69
CA GLY A 366 21.65 -41.46 20.93
C GLY A 366 20.35 -41.86 21.58
N LEU A 367 19.38 -40.96 21.52
CA LEU A 367 18.07 -41.14 22.13
C LEU A 367 17.01 -40.79 21.09
N ILE A 368 16.03 -41.67 20.91
CA ILE A 368 14.90 -41.39 20.03
C ILE A 368 13.67 -41.13 20.88
N ILE A 369 13.03 -39.99 20.66
CA ILE A 369 11.79 -39.62 21.32
C ILE A 369 10.68 -39.77 20.30
N ARG A 370 9.66 -40.56 20.64
CA ARG A 370 8.55 -40.79 19.74
C ARG A 370 7.35 -39.90 20.02
N GLY A 371 7.19 -39.43 21.24
CA GLY A 371 6.09 -38.55 21.60
C GLY A 371 6.41 -37.09 21.34
N TRP A 372 5.62 -36.24 21.99
CA TRP A 372 5.84 -34.81 21.96
C TRP A 372 7.00 -34.48 22.89
N ALA A 373 8.06 -33.85 22.33
CA ALA A 373 9.25 -33.57 23.12
C ALA A 373 9.17 -32.19 23.78
N PRO A 374 9.81 -32.00 24.93
CA PRO A 374 9.88 -30.66 25.55
C PRO A 374 10.96 -29.83 24.86
N GLN A 375 10.62 -29.25 23.71
CA GLN A 375 11.64 -28.70 22.83
C GLN A 375 12.40 -27.55 23.48
N VAL A 376 11.70 -26.66 24.18
CA VAL A 376 12.35 -25.51 24.79
C VAL A 376 13.30 -25.96 25.91
N LEU A 377 12.80 -26.81 26.81
CA LEU A 377 13.65 -27.30 27.89
C LEU A 377 14.88 -28.02 27.36
N ILE A 378 14.73 -28.74 26.25
CA ILE A 378 15.87 -29.42 25.64
C ILE A 378 16.84 -28.40 25.05
N LEU A 379 16.33 -27.46 24.24
CA LEU A 379 17.20 -26.51 23.56
C LEU A 379 18.00 -25.66 24.54
N GLU A 380 17.38 -25.30 25.66
CA GLU A 380 18.07 -24.44 26.62
C GLU A 380 18.88 -25.22 27.64
N HIS A 381 18.83 -26.56 27.61
CA HIS A 381 19.74 -27.34 28.42
C HIS A 381 21.17 -27.13 27.92
N GLU A 382 22.11 -27.08 28.89
CA GLU A 382 23.50 -26.78 28.58
C GLU A 382 24.10 -27.75 27.58
N ALA A 383 23.62 -29.00 27.57
CA ALA A 383 24.24 -30.05 26.78
C ALA A 383 23.96 -29.92 25.28
N ILE A 384 22.89 -29.21 24.91
CA ILE A 384 22.46 -29.14 23.51
C ILE A 384 23.22 -28.03 22.78
N GLY A 385 23.95 -28.43 21.75
CA GLY A 385 24.73 -27.51 20.95
C GLY A 385 24.24 -27.22 19.54
N ALA A 386 23.26 -27.98 19.01
CA ALA A 386 22.85 -27.79 17.62
C ALA A 386 21.42 -28.29 17.41
N PHE A 387 20.81 -27.87 16.28
CA PHE A 387 19.37 -28.06 16.06
C PHE A 387 19.12 -28.28 14.57
N VAL A 388 18.78 -29.50 14.18
CA VAL A 388 18.33 -29.78 12.82
C VAL A 388 16.83 -29.51 12.76
N THR A 389 16.43 -28.51 11.97
CA THR A 389 15.07 -27.98 12.00
C THR A 389 14.57 -27.75 10.58
N HIS A 390 13.24 -27.66 10.44
CA HIS A 390 12.64 -27.37 9.14
C HIS A 390 12.50 -25.88 8.86
N CYS A 391 12.95 -25.02 9.76
CA CYS A 391 12.93 -23.57 9.62
C CYS A 391 11.54 -22.96 9.69
N GLY A 392 10.57 -23.67 10.29
CA GLY A 392 9.38 -22.98 10.73
C GLY A 392 9.76 -21.87 11.68
N TRP A 393 8.99 -20.79 11.70
CA TRP A 393 9.45 -19.63 12.45
C TRP A 393 9.41 -19.86 13.95
N ASN A 394 8.45 -20.65 14.47
CA ASN A 394 8.43 -20.87 15.92
C ASN A 394 9.65 -21.65 16.37
N SER A 395 10.03 -22.69 15.63
CA SER A 395 11.25 -23.42 15.98
C SER A 395 12.49 -22.55 15.77
N THR A 396 12.54 -21.81 14.66
CA THR A 396 13.68 -20.94 14.41
C THR A 396 13.88 -19.97 15.56
N LEU A 397 12.79 -19.33 16.00
CA LEU A 397 12.87 -18.37 17.09
C LEU A 397 13.28 -19.05 18.39
N GLU A 398 12.81 -20.27 18.63
CA GLU A 398 13.24 -21.00 19.83
C GLU A 398 14.74 -21.31 19.78
N GLY A 399 15.23 -21.72 18.62
CA GLY A 399 16.67 -21.93 18.47
C GLY A 399 17.45 -20.67 18.77
N ILE A 400 17.00 -19.54 18.21
CA ILE A 400 17.65 -18.26 18.46
C ILE A 400 17.62 -17.91 19.94
N THR A 401 16.46 -18.06 20.57
CA THR A 401 16.29 -17.68 21.97
C THR A 401 17.11 -18.56 22.90
N ALA A 402 17.31 -19.84 22.54
CA ALA A 402 18.19 -20.68 23.33
C ALA A 402 19.66 -20.46 22.97
N GLY A 403 19.92 -19.71 21.91
CA GLY A 403 21.27 -19.50 21.42
C GLY A 403 21.89 -20.74 20.83
N VAL A 404 21.13 -21.48 20.03
CA VAL A 404 21.56 -22.77 19.49
C VAL A 404 21.66 -22.66 17.97
N PRO A 405 22.82 -22.94 17.37
CA PRO A 405 22.91 -22.95 15.90
C PRO A 405 22.09 -24.07 15.29
N MET A 406 21.79 -23.93 14.00
CA MET A 406 20.81 -24.79 13.36
C MET A 406 21.28 -25.32 12.01
N VAL A 407 20.93 -26.58 11.74
CA VAL A 407 20.97 -27.12 10.38
C VAL A 407 19.58 -26.87 9.77
N THR A 408 19.56 -26.18 8.63
CA THR A 408 18.30 -25.74 8.04
C THR A 408 17.85 -26.74 6.99
N TRP A 409 16.60 -27.20 7.10
CA TRP A 409 16.01 -28.18 6.19
C TRP A 409 14.60 -27.73 5.79
N PRO A 410 14.50 -26.66 5.01
CA PRO A 410 13.18 -26.14 4.65
C PRO A 410 12.40 -27.10 3.76
N ILE A 411 11.07 -27.09 3.93
CA ILE A 411 10.16 -27.99 3.23
C ILE A 411 9.17 -27.22 2.35
N PHE A 412 8.40 -26.32 2.96
CA PHE A 412 7.38 -25.57 2.22
C PHE A 412 7.14 -24.24 2.94
N ALA A 413 6.01 -23.60 2.64
CA ALA A 413 5.54 -22.34 3.26
C ALA A 413 6.63 -21.27 3.06
N GLU A 414 6.97 -20.50 4.10
CA GLU A 414 7.98 -19.45 3.98
C GLU A 414 9.35 -19.91 4.47
N GLN A 415 9.55 -21.23 4.57
CA GLN A 415 10.73 -21.77 5.25
C GLN A 415 12.02 -21.52 4.47
N PHE A 416 11.97 -21.42 3.14
CA PHE A 416 13.22 -21.13 2.42
C PHE A 416 13.68 -19.70 2.65
N TYR A 417 12.74 -18.77 2.82
CA TYR A 417 13.12 -17.42 3.23
C TYR A 417 13.72 -17.42 4.62
N ASN A 418 13.11 -18.16 5.56
CA ASN A 418 13.66 -18.28 6.90
C ASN A 418 15.07 -18.87 6.86
N GLU A 419 15.30 -19.87 6.00
CA GLU A 419 16.62 -20.45 5.85
C GLU A 419 17.63 -19.42 5.38
N LYS A 420 17.24 -18.58 4.41
CA LYS A 420 18.16 -17.53 3.98
C LYS A 420 18.46 -16.56 5.12
N LEU A 421 17.44 -16.19 5.90
CA LEU A 421 17.68 -15.33 7.05
C LEU A 421 18.67 -15.96 8.02
N VAL A 422 18.49 -17.25 8.31
CA VAL A 422 19.32 -17.91 9.31
C VAL A 422 20.77 -18.05 8.83
N ASN A 423 20.95 -18.50 7.57
CA ASN A 423 22.28 -18.87 7.10
C ASN A 423 23.07 -17.65 6.63
N GLN A 424 22.51 -16.86 5.72
CA GLN A 424 23.28 -15.80 5.08
C GLN A 424 23.32 -14.51 5.89
N ILE A 425 22.23 -14.18 6.60
CA ILE A 425 22.13 -12.90 7.28
C ILE A 425 22.51 -13.04 8.74
N LEU A 426 21.84 -13.94 9.45
CA LEU A 426 22.18 -14.13 10.86
C LEU A 426 23.49 -14.88 11.05
N LYS A 427 23.87 -15.71 10.08
CA LYS A 427 25.10 -16.49 10.14
C LYS A 427 25.15 -17.37 11.39
N ILE A 428 24.05 -18.11 11.63
CA ILE A 428 24.03 -19.06 12.72
C ILE A 428 23.65 -20.47 12.25
N GLY A 429 23.70 -20.75 10.95
CA GLY A 429 23.23 -22.03 10.46
C GLY A 429 23.98 -22.58 9.28
N VAL A 430 23.65 -23.83 8.95
CA VAL A 430 24.24 -24.56 7.83
C VAL A 430 23.13 -25.26 7.05
N PRO A 431 23.05 -25.09 5.73
CA PRO A 431 22.04 -25.81 4.96
C PRO A 431 22.32 -27.29 4.92
N VAL A 432 21.26 -28.09 4.99
CA VAL A 432 21.38 -29.52 4.73
C VAL A 432 21.46 -29.81 3.24
N GLY A 433 21.00 -28.87 2.40
CA GLY A 433 21.00 -29.06 0.97
C GLY A 433 19.64 -29.25 0.34
N ALA A 434 18.57 -29.28 1.13
CA ALA A 434 17.23 -29.39 0.57
C ALA A 434 16.85 -28.07 -0.08
N ASN A 435 16.37 -28.15 -1.33
CA ASN A 435 16.01 -26.92 -2.03
C ASN A 435 14.75 -27.06 -2.90
N LYS A 436 13.88 -28.02 -2.61
CA LYS A 436 12.67 -28.22 -3.40
C LYS A 436 11.43 -27.96 -2.54
N TRP A 437 10.69 -26.91 -2.87
CA TRP A 437 9.44 -26.58 -2.21
C TRP A 437 8.39 -27.63 -2.55
N SER A 438 7.80 -28.25 -1.53
CA SER A 438 6.77 -29.26 -1.78
C SER A 438 6.00 -29.53 -0.51
N ARG A 439 4.67 -29.61 -0.63
CA ARG A 439 3.84 -29.99 0.50
C ARG A 439 4.18 -31.39 0.99
N GLU A 440 4.07 -32.39 0.11
CA GLU A 440 4.48 -33.75 0.43
C GLU A 440 5.81 -34.09 -0.23
N THR A 441 6.54 -35.02 0.39
CA THR A 441 7.86 -35.42 -0.08
C THR A 441 7.72 -36.67 -0.95
N SER A 442 8.19 -36.58 -2.19
CA SER A 442 8.28 -37.75 -3.04
C SER A 442 9.56 -38.50 -2.73
N ILE A 443 9.52 -39.83 -2.93
CA ILE A 443 10.71 -40.64 -2.66
C ILE A 443 11.86 -40.16 -3.54
N GLU A 444 11.54 -39.63 -4.71
CA GLU A 444 12.52 -39.09 -5.63
C GLU A 444 13.26 -37.89 -5.05
N ASP A 445 12.75 -37.29 -3.97
CA ASP A 445 13.33 -36.07 -3.42
C ASP A 445 14.02 -36.28 -2.08
N VAL A 446 14.15 -37.53 -1.61
CA VAL A 446 14.75 -37.78 -0.31
C VAL A 446 16.18 -37.25 -0.25
N ILE A 447 16.52 -36.59 0.86
CA ILE A 447 17.87 -36.12 1.13
C ILE A 447 18.70 -37.29 1.67
N LYS A 448 19.83 -37.57 1.01
CA LYS A 448 20.64 -38.76 1.28
C LYS A 448 21.53 -38.56 2.50
N LYS A 449 22.01 -39.70 3.05
CA LYS A 449 22.75 -39.65 4.31
C LYS A 449 24.03 -38.83 4.21
N ASP A 450 24.62 -38.72 3.02
CA ASP A 450 25.89 -38.02 2.87
C ASP A 450 25.77 -36.53 3.23
N ALA A 451 24.80 -35.84 2.61
CA ALA A 451 24.59 -34.43 2.92
C ALA A 451 24.25 -34.23 4.39
N ILE A 452 23.41 -35.12 4.93
CA ILE A 452 23.02 -35.00 6.32
C ILE A 452 24.23 -35.13 7.24
N GLU A 453 25.11 -36.10 6.94
CA GLU A 453 26.31 -36.26 7.75
C GLU A 453 27.24 -35.05 7.62
N LYS A 454 27.40 -34.53 6.38
CA LYS A 454 28.23 -33.34 6.19
C LYS A 454 27.70 -32.17 7.02
N ALA A 455 26.39 -31.96 7.02
CA ALA A 455 25.82 -30.85 7.78
C ALA A 455 25.97 -31.07 9.28
N LEU A 456 25.73 -32.30 9.74
CA LEU A 456 25.91 -32.61 11.16
C LEU A 456 27.34 -32.37 11.61
N ARG A 457 28.31 -32.68 10.74
CA ARG A 457 29.70 -32.44 11.09
C ARG A 457 30.01 -30.94 11.11
N GLU A 458 29.60 -30.24 10.06
CA GLU A 458 29.90 -28.81 9.98
C GLU A 458 29.30 -28.04 11.15
N ILE A 459 28.10 -28.43 11.60
CA ILE A 459 27.44 -27.64 12.63
C ILE A 459 28.10 -27.82 13.99
N MET A 460 28.82 -28.92 14.21
CA MET A 460 29.36 -29.16 15.54
C MET A 460 30.83 -28.75 15.67
N VAL A 461 31.68 -29.12 14.71
CA VAL A 461 33.11 -28.86 14.83
C VAL A 461 33.65 -28.18 13.57
N GLY A 462 32.80 -28.02 12.57
CA GLY A 462 33.16 -27.39 11.31
C GLY A 462 33.61 -25.95 11.44
N ASP A 463 33.90 -25.33 10.30
CA ASP A 463 34.37 -23.95 10.28
C ASP A 463 33.32 -23.00 10.87
N GLU A 464 33.77 -22.12 11.76
CA GLU A 464 32.96 -21.07 12.40
C GLU A 464 31.97 -21.57 13.44
N ALA A 465 32.02 -22.85 13.82
CA ALA A 465 30.99 -23.40 14.69
C ALA A 465 30.96 -22.68 16.05
N GLU A 466 32.14 -22.40 16.60
CA GLU A 466 32.20 -21.69 17.88
C GLU A 466 31.78 -20.23 17.70
N GLU A 467 32.07 -19.63 16.55
CA GLU A 467 31.59 -18.28 16.29
C GLU A 467 30.07 -18.24 16.16
N ARG A 468 29.49 -19.24 15.49
CA ARG A 468 28.04 -19.34 15.42
C ARG A 468 27.44 -19.47 16.81
N ARG A 469 28.06 -20.30 17.68
CA ARG A 469 27.60 -20.37 19.06
C ARG A 469 27.67 -19.00 19.72
N SER A 470 28.77 -18.27 19.49
CA SER A 470 28.92 -16.94 20.09
C SER A 470 27.86 -15.98 19.54
N ARG A 471 27.67 -15.96 18.22
CA ARG A 471 26.64 -15.11 17.63
C ARG A 471 25.25 -15.47 18.15
N ALA A 472 24.98 -16.77 18.36
CA ALA A 472 23.65 -17.17 18.81
C ALA A 472 23.43 -16.78 20.26
N LYS A 473 24.48 -16.84 21.08
CA LYS A 473 24.35 -16.37 22.45
C LYS A 473 24.13 -14.87 22.49
N LYS A 474 24.77 -14.14 21.57
CA LYS A 474 24.50 -12.70 21.43
C LYS A 474 23.04 -12.47 21.10
N LEU A 475 22.54 -13.17 20.08
CA LEU A 475 21.12 -13.08 19.73
C LEU A 475 20.25 -13.51 20.89
N LYS A 476 20.69 -14.51 21.65
CA LYS A 476 19.92 -14.95 22.80
C LYS A 476 19.77 -13.83 23.83
N GLU A 477 20.86 -13.16 24.16
CA GLU A 477 20.79 -12.04 25.10
C GLU A 477 19.92 -10.92 24.54
N MET A 478 20.08 -10.63 23.25
CA MET A 478 19.26 -9.58 22.63
C MET A 478 17.78 -9.94 22.69
N ALA A 479 17.46 -11.21 22.48
CA ALA A 479 16.07 -11.66 22.52
C ALA A 479 15.50 -11.47 23.92
N TRP A 480 16.23 -11.92 24.93
CA TRP A 480 15.75 -11.75 26.30
C TRP A 480 15.66 -10.28 26.69
N LYS A 481 16.56 -9.44 26.18
CA LYS A 481 16.52 -8.03 26.53
C LYS A 481 15.38 -7.31 25.82
N ALA A 482 15.04 -7.74 24.60
CA ALA A 482 13.98 -7.08 23.84
C ALA A 482 12.65 -7.13 24.57
N VAL A 483 12.38 -8.21 25.30
CA VAL A 483 11.07 -8.42 25.90
C VAL A 483 11.00 -7.94 27.35
N GLU A 484 12.13 -7.65 27.99
CA GLU A 484 12.09 -7.14 29.34
C GLU A 484 11.64 -5.67 29.33
N GLU A 485 11.13 -5.24 30.48
CA GLU A 485 10.68 -3.86 30.64
C GLU A 485 11.73 -2.88 30.14
N GLY A 486 11.33 -1.99 29.23
CA GLY A 486 12.23 -1.10 28.56
C GLY A 486 12.76 -1.60 27.22
N GLY A 487 12.61 -2.90 26.94
CA GLY A 487 13.09 -3.45 25.69
C GLY A 487 12.23 -3.04 24.49
N SER A 488 12.80 -3.28 23.30
CA SER A 488 12.12 -2.92 22.06
C SER A 488 10.73 -3.54 21.95
N SER A 489 10.61 -4.83 22.28
CA SER A 489 9.32 -5.51 22.12
C SER A 489 8.35 -5.09 23.20
N TYR A 490 8.82 -5.01 24.45
CA TYR A 490 8.02 -4.46 25.53
C TYR A 490 7.47 -3.08 25.15
N SER A 491 8.34 -2.22 24.62
CA SER A 491 7.94 -0.85 24.30
C SER A 491 6.97 -0.82 23.12
N ASP A 492 7.19 -1.65 22.10
CA ASP A 492 6.28 -1.66 20.96
C ASP A 492 4.90 -2.18 21.37
N LEU A 493 4.85 -3.16 22.27
CA LEU A 493 3.56 -3.61 22.77
C LEU A 493 2.86 -2.51 23.57
N SER A 494 3.59 -1.82 24.45
CA SER A 494 3.00 -0.69 25.17
C SER A 494 2.45 0.35 24.20
N ALA A 495 3.22 0.66 23.16
CA ALA A 495 2.79 1.66 22.18
C ALA A 495 1.54 1.21 21.43
N LEU A 496 1.50 -0.06 21.03
CA LEU A 496 0.31 -0.57 20.33
C LEU A 496 -0.92 -0.48 21.21
N ILE A 497 -0.79 -0.87 22.48
CA ILE A 497 -1.95 -0.86 23.36
C ILE A 497 -2.44 0.57 23.58
N GLU A 498 -1.51 1.51 23.76
CA GLU A 498 -1.91 2.90 23.91
C GLU A 498 -2.61 3.41 22.67
N GLU A 499 -2.11 3.03 21.49
CA GLU A 499 -2.77 3.45 20.25
C GLU A 499 -4.18 2.86 20.16
N LEU A 500 -4.35 1.61 20.60
CA LEU A 500 -5.68 0.99 20.56
C LEU A 500 -6.63 1.68 21.54
N ARG A 501 -6.12 2.09 22.70
CA ARG A 501 -6.96 2.85 23.64
C ARG A 501 -7.45 4.14 23.02
N GLY A 502 -6.62 4.79 22.22
CA GLY A 502 -6.95 6.06 21.61
C GLY A 502 -7.76 6.02 20.34
N TYR A 503 -8.09 4.83 19.83
CA TYR A 503 -8.76 4.74 18.53
C TYR A 503 -10.14 5.39 18.58
N HIS A 504 -10.37 6.33 17.67
CA HIS A 504 -11.61 7.10 17.58
C HIS A 504 -12.06 7.65 18.93
N GLN B 27 -27.56 -4.79 -14.69
CA GLN B 27 -26.87 -3.53 -14.98
C GLN B 27 -26.02 -3.08 -13.80
N LEU B 28 -24.81 -2.63 -14.10
CA LEU B 28 -23.91 -2.12 -13.07
C LEU B 28 -24.35 -0.72 -12.64
N HIS B 29 -24.21 -0.42 -11.35
CA HIS B 29 -24.53 0.89 -10.80
C HIS B 29 -23.32 1.45 -10.06
N VAL B 30 -22.88 2.64 -10.46
CA VAL B 30 -21.74 3.32 -9.85
C VAL B 30 -22.20 4.68 -9.35
N VAL B 31 -21.85 5.00 -8.11
CA VAL B 31 -22.17 6.28 -7.49
C VAL B 31 -20.91 7.14 -7.44
N PHE B 32 -21.05 8.40 -7.85
CA PHE B 32 -19.97 9.37 -7.88
C PHE B 32 -20.25 10.45 -6.84
N PHE B 33 -19.23 10.81 -6.06
CA PHE B 33 -19.39 11.69 -4.91
C PHE B 33 -18.25 12.71 -4.88
N PRO B 34 -18.36 13.77 -5.68
CA PRO B 34 -17.31 14.79 -5.71
C PRO B 34 -17.47 15.82 -4.60
N ILE B 35 -16.36 16.49 -4.29
CA ILE B 35 -16.43 17.65 -3.40
C ILE B 35 -16.98 18.84 -4.20
N MET B 36 -17.62 19.78 -3.50
CA MET B 36 -18.29 20.90 -4.16
C MET B 36 -17.26 21.94 -4.57
N ALA B 37 -16.56 21.64 -5.66
CA ALA B 37 -15.62 22.57 -6.29
C ALA B 37 -15.68 22.32 -7.79
N HIS B 38 -15.72 23.41 -8.56
CA HIS B 38 -15.91 23.30 -10.01
C HIS B 38 -14.87 22.38 -10.65
N GLY B 39 -13.61 22.53 -10.25
CA GLY B 39 -12.52 21.74 -10.79
C GLY B 39 -12.59 20.25 -10.49
N HIS B 40 -13.40 19.86 -9.50
CA HIS B 40 -13.67 18.46 -9.25
C HIS B 40 -15.04 18.02 -9.76
N MET B 41 -16.02 18.93 -9.79
CA MET B 41 -17.36 18.54 -10.22
C MET B 41 -17.41 18.27 -11.70
N ILE B 42 -16.76 19.11 -12.51
CA ILE B 42 -16.85 18.95 -13.96
C ILE B 42 -16.19 17.63 -14.40
N PRO B 43 -14.94 17.35 -14.02
CA PRO B 43 -14.36 16.04 -14.41
C PRO B 43 -15.12 14.86 -13.84
N THR B 44 -15.73 15.00 -12.65
CA THR B 44 -16.54 13.92 -12.12
C THR B 44 -17.73 13.64 -13.03
N LEU B 45 -18.38 14.70 -13.53
CA LEU B 45 -19.47 14.52 -14.48
C LEU B 45 -18.99 13.80 -15.72
N ASP B 46 -17.83 14.19 -16.25
CA ASP B 46 -17.33 13.54 -17.45
C ASP B 46 -17.04 12.06 -17.21
N ILE B 47 -16.49 11.72 -16.05
CA ILE B 47 -16.28 10.30 -15.73
C ILE B 47 -17.61 9.55 -15.67
N ALA B 48 -18.62 10.17 -15.04
CA ALA B 48 -19.95 9.55 -15.01
C ALA B 48 -20.47 9.34 -16.42
N ARG B 49 -20.23 10.30 -17.32
CA ARG B 49 -20.68 10.16 -18.71
C ARG B 49 -19.97 8.99 -19.39
N LEU B 50 -18.66 8.86 -19.14
CA LEU B 50 -17.91 7.74 -19.69
C LEU B 50 -18.47 6.41 -19.22
N PHE B 51 -18.74 6.29 -17.92
CA PHE B 51 -19.32 5.05 -17.41
C PHE B 51 -20.70 4.81 -18.03
N ALA B 52 -21.52 5.86 -18.13
CA ALA B 52 -22.88 5.70 -18.67
C ALA B 52 -22.84 5.24 -20.12
N ALA B 53 -21.90 5.76 -20.91
CA ALA B 53 -21.78 5.36 -22.31
C ALA B 53 -21.43 3.89 -22.47
N ARG B 54 -21.00 3.20 -21.41
CA ARG B 54 -20.81 1.76 -21.43
C ARG B 54 -22.00 1.01 -20.83
N ASN B 55 -23.18 1.64 -20.81
CA ASN B 55 -24.41 1.04 -20.26
C ASN B 55 -24.27 0.76 -18.76
N VAL B 56 -23.62 1.67 -18.05
CA VAL B 56 -23.52 1.61 -16.60
C VAL B 56 -24.40 2.70 -16.02
N ARG B 57 -25.14 2.37 -14.97
CA ARG B 57 -25.97 3.36 -14.29
C ARG B 57 -25.09 4.26 -13.42
N ALA B 58 -25.20 5.57 -13.65
CA ALA B 58 -24.33 6.56 -13.00
C ALA B 58 -25.17 7.57 -12.24
N THR B 59 -24.87 7.72 -10.96
CA THR B 59 -25.53 8.69 -10.09
C THR B 59 -24.47 9.61 -9.50
N ILE B 60 -24.73 10.91 -9.52
CA ILE B 60 -23.83 11.92 -8.94
C ILE B 60 -24.50 12.53 -7.72
N ILE B 61 -23.82 12.46 -6.57
CA ILE B 61 -24.30 13.09 -5.36
C ILE B 61 -23.84 14.54 -5.37
N THR B 62 -24.77 15.45 -5.18
CA THR B 62 -24.45 16.87 -5.08
C THR B 62 -25.39 17.51 -4.06
N THR B 63 -25.34 18.82 -3.99
CA THR B 63 -26.16 19.59 -3.06
C THR B 63 -27.10 20.50 -3.85
N PRO B 64 -28.17 21.00 -3.21
CA PRO B 64 -29.16 21.78 -3.97
C PRO B 64 -28.59 22.99 -4.70
N LEU B 65 -27.71 23.75 -4.06
CA LEU B 65 -27.19 24.96 -4.69
C LEU B 65 -26.12 24.68 -5.75
N ASN B 66 -25.58 23.46 -5.80
CA ASN B 66 -24.64 23.10 -6.85
C ASN B 66 -25.26 22.29 -7.97
N ALA B 67 -26.45 21.74 -7.74
CA ALA B 67 -27.06 20.84 -8.72
C ALA B 67 -27.22 21.49 -10.08
N HIS B 68 -27.41 22.81 -10.12
CA HIS B 68 -27.65 23.50 -11.38
C HIS B 68 -26.53 23.27 -12.39
N THR B 69 -25.28 23.15 -11.92
CA THR B 69 -24.17 22.89 -12.82
C THR B 69 -24.38 21.56 -13.56
N PHE B 70 -24.69 20.50 -12.81
CA PHE B 70 -24.90 19.20 -13.43
C PHE B 70 -26.14 19.18 -14.31
N THR B 71 -27.25 19.76 -13.84
CA THR B 71 -28.47 19.78 -14.65
C THR B 71 -28.23 20.53 -15.96
N LYS B 72 -27.55 21.68 -15.89
CA LYS B 72 -27.22 22.44 -17.09
C LYS B 72 -26.38 21.61 -18.05
N ALA B 73 -25.30 21.00 -17.56
CA ALA B 73 -24.42 20.29 -18.48
C ALA B 73 -24.97 18.92 -18.91
N ILE B 74 -26.05 18.44 -18.28
CA ILE B 74 -26.62 17.15 -18.68
C ILE B 74 -27.51 17.32 -19.91
N GLU B 75 -28.42 18.29 -19.86
CA GLU B 75 -29.34 18.58 -20.96
C GLU B 75 -30.25 17.38 -21.26
N GLY B 81 -29.41 12.97 -27.45
CA GLY B 81 -29.27 11.58 -27.07
C GLY B 81 -28.48 11.37 -25.79
N SER B 82 -27.70 10.27 -25.75
CA SER B 82 -26.80 9.89 -24.66
C SER B 82 -27.56 9.40 -23.43
N PRO B 83 -27.03 8.39 -22.74
CA PRO B 83 -27.73 7.86 -21.56
C PRO B 83 -27.86 8.90 -20.45
N THR B 84 -28.76 8.61 -19.51
CA THR B 84 -29.19 9.57 -18.51
C THR B 84 -28.34 9.47 -17.24
N ILE B 85 -27.72 10.58 -16.85
CA ILE B 85 -27.05 10.68 -15.57
C ILE B 85 -28.04 11.14 -14.52
N HIS B 86 -28.15 10.40 -13.42
CA HIS B 86 -29.10 10.72 -12.36
C HIS B 86 -28.41 11.50 -11.24
N LEU B 87 -29.17 12.38 -10.60
CA LEU B 87 -28.68 13.21 -9.50
C LEU B 87 -29.36 12.83 -8.20
N GLU B 88 -28.61 12.95 -7.11
CA GLU B 88 -29.10 12.73 -5.75
C GLU B 88 -28.60 13.88 -4.89
N LEU B 89 -29.52 14.59 -4.25
CA LEU B 89 -29.19 15.79 -3.50
C LEU B 89 -29.04 15.48 -2.02
N PHE B 90 -27.92 15.90 -1.44
CA PHE B 90 -27.71 15.87 -0.01
C PHE B 90 -27.87 17.28 0.54
N LYS B 91 -28.33 17.38 1.79
CA LYS B 91 -28.47 18.67 2.43
C LYS B 91 -27.13 19.08 3.04
N PHE B 92 -26.69 20.30 2.75
CA PHE B 92 -25.42 20.80 3.25
C PHE B 92 -25.63 21.59 4.54
N PRO B 93 -25.00 21.21 5.64
CA PRO B 93 -25.26 21.87 6.93
C PRO B 93 -24.52 23.20 7.08
N ALA B 94 -24.85 24.17 6.22
CA ALA B 94 -24.20 25.47 6.29
C ALA B 94 -24.51 26.16 7.62
N GLN B 95 -25.77 26.13 8.06
CA GLN B 95 -26.13 26.75 9.32
C GLN B 95 -25.52 25.99 10.49
N ASP B 96 -25.53 24.66 10.41
CA ASP B 96 -25.02 23.81 11.48
C ASP B 96 -23.53 24.05 11.76
N VAL B 97 -22.74 24.40 10.73
CA VAL B 97 -21.30 24.58 10.91
C VAL B 97 -20.91 26.04 10.99
N GLY B 98 -21.86 26.96 10.97
CA GLY B 98 -21.52 28.35 11.08
C GLY B 98 -21.06 28.99 9.80
N LEU B 99 -21.44 28.45 8.66
CA LEU B 99 -21.08 29.13 7.43
C LEU B 99 -22.17 30.10 7.04
N PRO B 100 -21.84 31.18 6.34
CA PRO B 100 -22.87 32.05 5.79
C PRO B 100 -23.77 31.26 4.84
N GLU B 101 -25.07 31.55 4.89
CA GLU B 101 -26.02 30.86 4.03
C GLU B 101 -25.64 31.07 2.56
N GLY B 102 -26.00 30.09 1.74
CA GLY B 102 -25.65 30.11 0.34
C GLY B 102 -24.24 29.68 0.02
N CYS B 103 -23.46 29.29 1.02
CA CYS B 103 -22.06 28.89 0.83
C CYS B 103 -21.98 27.37 0.87
N GLU B 104 -22.31 26.76 -0.28
CA GLU B 104 -22.26 25.31 -0.46
C GLU B 104 -21.13 24.90 -1.41
N ASN B 105 -20.15 25.77 -1.64
CA ASN B 105 -19.13 25.55 -2.65
C ASN B 105 -17.78 26.01 -2.14
N LEU B 106 -16.76 25.16 -2.33
CA LEU B 106 -15.41 25.45 -1.85
C LEU B 106 -14.91 26.80 -2.33
N GLU B 107 -15.28 27.20 -3.55
CA GLU B 107 -14.79 28.45 -4.11
C GLU B 107 -15.25 29.66 -3.29
N GLN B 108 -16.40 29.55 -2.62
CA GLN B 108 -16.92 30.65 -1.81
C GLN B 108 -16.35 30.67 -0.39
N ALA B 109 -15.65 29.62 0.04
CA ALA B 109 -15.04 29.60 1.37
C ALA B 109 -13.65 30.21 1.27
N LEU B 110 -13.61 31.54 1.28
CA LEU B 110 -12.36 32.29 1.22
C LEU B 110 -11.88 32.58 2.64
N GLY B 111 -10.63 32.24 2.92
CA GLY B 111 -10.07 32.45 4.24
C GLY B 111 -9.99 31.15 5.03
N SER B 112 -9.04 31.11 5.96
CA SER B 112 -8.81 29.90 6.74
C SER B 112 -10.05 29.49 7.53
N SER B 113 -10.74 30.47 8.15
CA SER B 113 -11.92 30.17 8.94
C SER B 113 -12.99 29.48 8.08
N LEU B 114 -13.37 30.10 6.97
CA LEU B 114 -14.42 29.54 6.13
C LEU B 114 -14.02 28.19 5.56
N ILE B 115 -12.75 28.00 5.21
CA ILE B 115 -12.36 26.73 4.60
C ILE B 115 -12.38 25.60 5.63
N GLU B 116 -11.94 25.88 6.86
CA GLU B 116 -12.03 24.84 7.89
C GLU B 116 -13.48 24.52 8.23
N LYS B 117 -14.34 25.54 8.27
CA LYS B 117 -15.76 25.29 8.50
C LYS B 117 -16.34 24.46 7.35
N PHE B 118 -15.94 24.77 6.11
CA PHE B 118 -16.39 24.03 4.95
C PHE B 118 -16.00 22.56 5.04
N PHE B 119 -14.76 22.29 5.48
CA PHE B 119 -14.34 20.89 5.57
C PHE B 119 -15.06 20.16 6.70
N LYS B 120 -15.36 20.84 7.81
CA LYS B 120 -16.23 20.22 8.81
C LYS B 120 -17.61 19.92 8.22
N GLY B 121 -18.15 20.85 7.45
CA GLY B 121 -19.44 20.62 6.80
C GLY B 121 -19.43 19.41 5.89
N VAL B 122 -18.41 19.30 5.02
CA VAL B 122 -18.39 18.17 4.10
C VAL B 122 -18.16 16.87 4.86
N GLY B 123 -17.38 16.90 5.95
CA GLY B 123 -17.24 15.73 6.77
C GLY B 123 -18.55 15.28 7.40
N LEU B 124 -19.45 16.22 7.67
CA LEU B 124 -20.72 15.85 8.28
C LEU B 124 -21.71 15.21 7.30
N LEU B 125 -21.36 15.05 6.02
CA LEU B 125 -22.24 14.37 5.07
C LEU B 125 -22.18 12.84 5.15
N ARG B 126 -21.34 12.31 6.05
CA ARG B 126 -21.14 10.86 6.10
C ARG B 126 -22.44 10.12 6.38
N GLU B 127 -23.31 10.69 7.23
CA GLU B 127 -24.55 10.00 7.58
C GLU B 127 -25.47 9.88 6.38
N GLN B 128 -25.68 10.97 5.64
CA GLN B 128 -26.47 10.88 4.42
C GLN B 128 -25.84 9.92 3.42
N LEU B 129 -24.50 9.92 3.33
CA LEU B 129 -23.85 9.02 2.39
C LEU B 129 -24.14 7.56 2.75
N GLU B 130 -23.95 7.21 4.01
CA GLU B 130 -24.14 5.82 4.43
C GLU B 130 -25.61 5.40 4.32
N ALA B 131 -26.53 6.33 4.60
CA ALA B 131 -27.95 6.06 4.37
C ALA B 131 -28.22 5.79 2.90
N TYR B 132 -27.67 6.62 2.01
CA TYR B 132 -27.90 6.41 0.59
C TYR B 132 -27.27 5.12 0.11
N LEU B 133 -26.11 4.75 0.66
CA LEU B 133 -25.46 3.51 0.23
C LEU B 133 -26.27 2.29 0.68
N GLU B 134 -26.76 2.30 1.92
CA GLU B 134 -27.63 1.22 2.38
C GLU B 134 -28.89 1.15 1.53
N LYS B 135 -29.46 2.32 1.19
CA LYS B 135 -30.69 2.37 0.41
C LYS B 135 -30.50 1.84 -1.01
N THR B 136 -29.41 2.23 -1.67
CA THR B 136 -29.24 1.99 -3.10
C THR B 136 -28.35 0.78 -3.41
N ARG B 137 -27.42 0.45 -2.52
CA ARG B 137 -26.49 -0.67 -2.70
C ARG B 137 -25.86 -0.70 -4.08
N PRO B 138 -25.08 0.31 -4.46
CA PRO B 138 -24.44 0.32 -5.78
C PRO B 138 -23.24 -0.62 -5.82
N ASN B 139 -22.77 -0.87 -7.04
CA ASN B 139 -21.63 -1.76 -7.24
C ASN B 139 -20.28 -1.10 -6.96
N CYS B 140 -20.20 0.22 -7.00
CA CYS B 140 -18.95 0.90 -6.69
C CYS B 140 -19.24 2.34 -6.30
N LEU B 141 -18.41 2.86 -5.42
CA LEU B 141 -18.44 4.27 -5.05
C LEU B 141 -17.15 4.93 -5.50
N VAL B 142 -17.27 5.93 -6.38
CA VAL B 142 -16.15 6.79 -6.78
C VAL B 142 -16.26 8.08 -5.97
N ALA B 143 -15.35 8.29 -5.02
CA ALA B 143 -15.46 9.40 -4.08
C ALA B 143 -14.24 10.31 -4.17
N ASP B 144 -14.50 11.60 -3.99
CA ASP B 144 -13.47 12.62 -4.00
C ASP B 144 -12.34 12.30 -3.03
N MET B 145 -11.12 12.69 -3.42
CA MET B 145 -9.94 12.55 -2.58
C MET B 145 -10.14 13.16 -1.20
N PHE B 146 -10.98 14.20 -1.09
CA PHE B 146 -11.21 14.86 0.19
C PHE B 146 -12.11 14.06 1.13
N PHE B 147 -12.53 12.85 0.74
CA PHE B 147 -13.37 12.00 1.58
C PHE B 147 -12.66 10.69 1.90
N PRO B 148 -11.60 10.72 2.71
CA PRO B 148 -10.96 9.44 3.08
C PRO B 148 -11.93 8.48 3.78
N TRP B 149 -12.76 9.02 4.68
CA TRP B 149 -13.74 8.21 5.40
C TRP B 149 -14.71 7.50 4.46
N ALA B 150 -14.87 7.98 3.23
CA ALA B 150 -15.80 7.32 2.32
C ALA B 150 -15.42 5.87 2.10
N THR B 151 -14.12 5.54 2.15
CA THR B 151 -13.73 4.14 2.07
C THR B 151 -14.48 3.31 3.11
N ASP B 152 -14.36 3.72 4.38
CA ASP B 152 -15.04 3.01 5.46
C ASP B 152 -16.53 2.99 5.21
N SER B 153 -17.09 4.10 4.72
CA SER B 153 -18.53 4.16 4.52
C SER B 153 -18.97 3.10 3.53
N ALA B 154 -18.18 2.85 2.49
CA ALA B 154 -18.57 1.82 1.54
C ALA B 154 -18.27 0.42 2.08
N ALA B 155 -17.24 0.30 2.93
CA ALA B 155 -16.88 -1.01 3.48
C ALA B 155 -17.99 -1.58 4.35
N LYS B 156 -18.77 -0.71 5.02
CA LYS B 156 -19.92 -1.18 5.79
C LYS B 156 -20.88 -2.00 4.96
N PHE B 157 -20.90 -1.80 3.63
CA PHE B 157 -21.83 -2.51 2.77
C PHE B 157 -21.12 -3.35 1.73
N ASN B 158 -19.84 -3.67 1.97
CA ASN B 158 -19.02 -4.47 1.07
C ASN B 158 -19.04 -3.89 -0.34
N ILE B 159 -18.96 -2.58 -0.41
CA ILE B 159 -18.93 -1.84 -1.68
C ILE B 159 -17.51 -1.35 -1.90
N PRO B 160 -16.91 -1.60 -3.06
CA PRO B 160 -15.57 -1.07 -3.32
C PRO B 160 -15.60 0.43 -3.55
N ARG B 161 -14.59 1.11 -3.02
CA ARG B 161 -14.46 2.56 -3.16
C ARG B 161 -13.24 2.89 -4.01
N LEU B 162 -13.45 3.76 -4.99
CA LEU B 162 -12.38 4.34 -5.79
C LEU B 162 -12.17 5.80 -5.41
N VAL B 163 -10.92 6.21 -5.33
CA VAL B 163 -10.54 7.60 -5.11
C VAL B 163 -10.37 8.29 -6.45
N PHE B 164 -10.91 9.51 -6.57
CA PHE B 164 -10.63 10.37 -7.70
C PHE B 164 -10.06 11.70 -7.22
N HIS B 165 -8.87 12.07 -7.71
CA HIS B 165 -8.24 13.35 -7.36
C HIS B 165 -8.46 14.44 -8.40
N GLY B 166 -8.46 14.09 -9.68
CA GLY B 166 -8.52 15.10 -10.72
C GLY B 166 -7.21 15.74 -11.10
N THR B 167 -6.07 15.09 -10.84
CA THR B 167 -4.76 15.65 -11.16
C THR B 167 -3.87 14.57 -11.80
N SER B 168 -2.63 14.94 -12.11
CA SER B 168 -1.73 14.07 -12.87
C SER B 168 -1.12 12.98 -11.99
N PHE B 169 -0.72 11.88 -12.62
CA PHE B 169 0.09 10.88 -11.93
C PHE B 169 1.29 11.53 -11.25
N PHE B 170 1.93 12.47 -11.94
CA PHE B 170 3.16 13.06 -11.43
C PHE B 170 2.94 13.77 -10.09
N SER B 171 1.90 14.59 -10.01
CA SER B 171 1.61 15.29 -8.75
C SER B 171 1.24 14.31 -7.64
N LEU B 172 0.47 13.27 -7.96
CA LEU B 172 0.16 12.23 -6.97
C LEU B 172 1.44 11.64 -6.38
N CYS B 173 2.40 11.31 -7.26
CA CYS B 173 3.66 10.73 -6.84
C CYS B 173 4.50 11.70 -6.03
N ALA B 174 4.62 12.94 -6.53
CA ALA B 174 5.52 13.90 -5.91
C ALA B 174 5.00 14.32 -4.55
N LEU B 175 3.70 14.53 -4.42
CA LEU B 175 3.11 14.80 -3.12
C LEU B 175 3.39 13.65 -2.16
N GLU B 176 3.25 12.40 -2.61
CA GLU B 176 3.50 11.31 -1.66
C GLU B 176 4.98 11.21 -1.29
N VAL B 177 5.90 11.42 -2.23
CA VAL B 177 7.32 11.29 -1.85
C VAL B 177 7.72 12.43 -0.92
N VAL B 178 7.17 13.62 -1.13
CA VAL B 178 7.47 14.72 -0.21
C VAL B 178 6.89 14.44 1.17
N ARG B 179 5.66 13.91 1.23
CA ARG B 179 5.07 13.57 2.52
C ARG B 179 5.88 12.48 3.24
N LEU B 180 6.33 11.46 2.51
CA LEU B 180 6.97 10.32 3.15
C LEU B 180 8.42 10.62 3.55
N TYR B 181 9.17 11.33 2.70
CA TYR B 181 10.58 11.56 2.95
C TYR B 181 10.89 12.93 3.52
N GLU B 182 9.96 13.88 3.44
CA GLU B 182 10.13 15.23 3.96
C GLU B 182 11.49 15.82 3.59
N PRO B 183 11.88 15.82 2.31
CA PRO B 183 13.24 16.28 1.96
C PRO B 183 13.46 17.77 2.17
N HIS B 184 12.43 18.52 2.53
CA HIS B 184 12.57 19.95 2.83
C HIS B 184 13.14 20.21 4.21
N LYS B 185 13.27 19.20 5.06
CA LYS B 185 13.85 19.39 6.38
C LYS B 185 15.37 19.30 6.39
N ASN B 186 15.98 18.82 5.32
CA ASN B 186 17.44 18.80 5.17
C ASN B 186 17.94 20.08 4.53
N VAL B 187 17.38 21.23 4.90
CA VAL B 187 17.54 22.46 4.13
C VAL B 187 17.59 23.63 5.09
N SER B 188 18.42 24.62 4.76
CA SER B 188 18.69 25.74 5.66
C SER B 188 18.00 27.04 5.26
N SER B 189 17.64 27.22 4.00
CA SER B 189 17.13 28.50 3.54
C SER B 189 15.90 28.27 2.66
N ASP B 190 15.14 29.37 2.47
CA ASP B 190 13.90 29.30 1.72
C ASP B 190 14.13 28.84 0.29
N GLU B 191 15.26 29.24 -0.31
CA GLU B 191 15.51 29.00 -1.72
C GLU B 191 16.54 27.91 -1.98
N GLU B 192 17.04 27.27 -0.92
CA GLU B 192 17.92 26.12 -1.10
C GLU B 192 17.15 24.99 -1.78
N LEU B 193 17.72 24.44 -2.84
CA LEU B 193 17.08 23.41 -3.64
C LEU B 193 17.31 22.03 -3.02
N PHE B 194 16.28 21.18 -3.11
CA PHE B 194 16.39 19.78 -2.76
C PHE B 194 15.78 18.95 -3.87
N SER B 195 16.29 17.74 -4.05
CA SER B 195 15.77 16.82 -5.06
C SER B 195 14.64 15.99 -4.49
N LEU B 196 13.74 15.56 -5.37
CA LEU B 196 12.68 14.65 -4.97
C LEU B 196 13.24 13.24 -4.94
N PRO B 197 13.16 12.53 -3.81
CA PRO B 197 13.72 11.18 -3.76
C PRO B 197 13.04 10.23 -4.73
N LEU B 198 13.80 9.22 -5.16
CA LEU B 198 13.30 8.04 -5.86
C LEU B 198 12.89 8.27 -7.31
N PHE B 199 12.62 9.51 -7.70
CA PHE B 199 12.03 9.77 -9.01
C PHE B 199 13.00 9.41 -10.14
N PRO B 200 12.49 8.92 -11.27
CA PRO B 200 13.34 8.61 -12.42
C PRO B 200 13.79 9.84 -13.20
N HIS B 201 13.30 11.02 -12.82
CA HIS B 201 13.87 12.29 -13.25
C HIS B 201 14.32 13.02 -12.00
N ASP B 202 15.35 13.86 -12.16
CA ASP B 202 15.81 14.69 -11.06
C ASP B 202 14.95 15.94 -11.00
N ILE B 203 14.17 16.07 -9.93
CA ILE B 203 13.26 17.20 -9.75
C ILE B 203 13.72 17.99 -8.54
N LYS B 204 14.17 19.22 -8.77
CA LYS B 204 14.67 20.08 -7.71
C LYS B 204 13.64 21.12 -7.34
N MET B 205 13.43 21.33 -6.04
CA MET B 205 12.43 22.26 -5.56
C MET B 205 12.95 22.96 -4.31
N MET B 206 12.29 24.05 -3.96
CA MET B 206 12.59 24.80 -2.76
C MET B 206 11.36 24.82 -1.87
N ARG B 207 11.59 25.02 -0.57
CA ARG B 207 10.48 24.97 0.38
C ARG B 207 9.51 26.12 0.20
N LEU B 208 9.93 27.20 -0.47
CA LEU B 208 8.98 28.26 -0.82
C LEU B 208 7.86 27.74 -1.72
N GLN B 209 8.15 26.70 -2.51
CA GLN B 209 7.16 26.09 -3.38
C GLN B 209 6.20 25.16 -2.65
N LEU B 210 6.42 24.90 -1.35
CA LEU B 210 5.58 24.09 -0.49
C LEU B 210 4.76 24.97 0.45
N PRO B 211 3.60 24.50 0.88
CA PRO B 211 2.79 25.30 1.82
C PRO B 211 3.52 25.48 3.14
N GLU B 212 3.44 26.71 3.68
CA GLU B 212 4.15 27.03 4.91
C GLU B 212 3.70 26.16 6.08
N ASP B 213 2.49 25.60 6.03
CA ASP B 213 2.00 24.65 7.04
C ASP B 213 2.72 23.30 7.01
N VAL B 214 3.86 23.18 6.34
CA VAL B 214 4.60 21.92 6.30
C VAL B 214 6.05 22.17 6.70
N TRP B 215 6.62 23.27 6.23
CA TRP B 215 8.04 23.54 6.46
C TRP B 215 8.31 24.67 7.45
N LYS B 216 7.33 25.53 7.72
CA LYS B 216 7.53 26.68 8.60
C LYS B 216 6.84 26.45 9.94
N HIS B 217 5.52 26.51 10.00
CA HIS B 217 4.75 26.28 11.22
C HIS B 217 3.87 25.06 11.00
N GLU B 218 4.38 23.88 11.38
CA GLU B 218 3.66 22.62 11.18
C GLU B 218 2.39 22.57 12.00
N LYS B 219 1.24 22.65 11.34
CA LYS B 219 -0.06 22.56 11.97
C LYS B 219 -0.62 21.15 11.77
N ALA B 220 -0.91 20.46 12.87
CA ALA B 220 -1.27 19.04 12.81
C ALA B 220 -2.57 18.80 12.04
N GLU B 221 -3.41 19.82 11.87
CA GLU B 221 -4.69 19.61 11.18
C GLU B 221 -4.48 19.33 9.69
N GLY B 222 -3.76 20.20 9.00
CA GLY B 222 -3.48 19.96 7.59
C GLY B 222 -2.63 18.73 7.38
N LYS B 223 -1.68 18.48 8.28
CA LYS B 223 -0.84 17.29 8.17
C LYS B 223 -1.66 16.03 8.29
N THR B 224 -2.61 15.98 9.23
CA THR B 224 -3.44 14.80 9.38
C THR B 224 -4.40 14.65 8.21
N ARG B 225 -4.96 15.76 7.73
CA ARG B 225 -5.87 15.70 6.58
C ARG B 225 -5.14 15.12 5.38
N LEU B 226 -3.92 15.61 5.11
CA LEU B 226 -3.14 15.08 4.00
C LEU B 226 -2.80 13.61 4.21
N LYS B 227 -2.40 13.24 5.43
CA LYS B 227 -2.08 11.85 5.71
C LYS B 227 -3.25 10.93 5.41
N LEU B 228 -4.44 11.29 5.87
CA LEU B 228 -5.59 10.43 5.63
C LEU B 228 -5.94 10.39 4.15
N ILE B 229 -5.80 11.53 3.44
CA ILE B 229 -6.04 11.52 2.00
C ILE B 229 -5.10 10.55 1.30
N LYS B 230 -3.79 10.68 1.55
CA LYS B 230 -2.83 9.83 0.84
C LYS B 230 -2.96 8.37 1.26
N GLU B 231 -3.30 8.11 2.53
CA GLU B 231 -3.53 6.73 2.97
C GLU B 231 -4.76 6.12 2.31
N SER B 232 -5.80 6.91 2.05
CA SER B 232 -6.99 6.36 1.40
C SER B 232 -6.65 5.75 0.05
N GLU B 233 -5.55 6.18 -0.59
CA GLU B 233 -5.16 5.61 -1.87
C GLU B 233 -4.78 4.14 -1.76
N LEU B 234 -4.23 3.72 -0.62
CA LEU B 234 -3.90 2.31 -0.40
C LEU B 234 -4.99 1.56 0.35
N LYS B 235 -5.71 2.23 1.26
CA LYS B 235 -6.77 1.53 1.98
C LYS B 235 -7.99 1.26 1.10
N SER B 236 -8.18 2.02 0.03
CA SER B 236 -9.34 1.85 -0.83
C SER B 236 -9.09 0.75 -1.85
N TYR B 237 -10.10 0.50 -2.68
CA TYR B 237 -9.97 -0.46 -3.77
C TYR B 237 -9.02 0.01 -4.87
N GLY B 238 -8.96 1.31 -5.13
CA GLY B 238 -8.06 1.80 -6.15
C GLY B 238 -8.32 3.26 -6.47
N VAL B 239 -7.61 3.75 -7.48
CA VAL B 239 -7.59 5.16 -7.84
C VAL B 239 -7.95 5.29 -9.32
N ILE B 240 -8.92 6.15 -9.62
CA ILE B 240 -9.19 6.57 -11.00
C ILE B 240 -8.41 7.85 -11.25
N VAL B 241 -7.68 7.90 -12.37
CA VAL B 241 -6.81 9.03 -12.66
C VAL B 241 -7.19 9.65 -14.00
N ASN B 242 -7.40 10.97 -14.00
CA ASN B 242 -7.72 11.71 -15.22
C ASN B 242 -6.42 12.13 -15.93
N SER B 243 -5.79 11.12 -16.53
CA SER B 243 -4.59 11.30 -17.32
C SER B 243 -4.54 10.15 -18.32
N PHE B 244 -3.57 10.15 -19.21
CA PHE B 244 -3.41 9.01 -20.09
C PHE B 244 -1.98 8.50 -20.00
N TYR B 245 -1.83 7.17 -20.15
CA TYR B 245 -0.57 6.49 -19.89
C TYR B 245 0.58 7.12 -20.66
N GLU B 246 0.37 7.40 -21.95
CA GLU B 246 1.43 7.86 -22.82
C GLU B 246 1.91 9.27 -22.48
N LEU B 247 1.10 10.05 -21.78
CA LEU B 247 1.52 11.39 -21.36
C LEU B 247 2.65 11.33 -20.35
N GLU B 248 2.55 10.44 -19.36
CA GLU B 248 3.50 10.38 -18.26
C GLU B 248 3.73 8.93 -17.86
N PRO B 249 4.24 8.11 -18.78
CA PRO B 249 4.34 6.66 -18.50
C PRO B 249 5.22 6.32 -17.31
N ASN B 250 6.30 7.09 -17.10
CA ASN B 250 7.16 6.84 -15.95
C ASN B 250 6.38 6.98 -14.65
N TYR B 251 5.44 7.92 -14.60
CA TYR B 251 4.75 8.16 -13.33
C TYR B 251 3.47 7.35 -13.22
N ALA B 252 2.84 7.03 -14.34
CA ALA B 252 1.81 6.01 -14.33
C ALA B 252 2.36 4.69 -13.81
N GLU B 253 3.64 4.39 -14.08
CA GLU B 253 4.27 3.20 -13.53
C GLU B 253 4.70 3.39 -12.08
N PHE B 254 5.30 4.55 -11.76
CA PHE B 254 5.76 4.80 -10.39
C PHE B 254 4.61 4.70 -9.39
N PHE B 255 3.47 5.31 -9.71
CA PHE B 255 2.32 5.29 -8.80
C PHE B 255 1.91 3.86 -8.47
N ARG B 256 1.94 2.98 -9.47
CA ARG B 256 1.47 1.60 -9.30
C ARG B 256 2.53 0.71 -8.65
N LYS B 257 3.80 0.88 -9.01
CA LYS B 257 4.85 -0.04 -8.55
C LYS B 257 5.50 0.50 -7.29
N GLU B 258 6.27 1.59 -7.42
CA GLU B 258 7.01 2.10 -6.28
C GLU B 258 6.12 2.57 -5.14
N LEU B 259 4.93 3.10 -5.45
CA LEU B 259 4.04 3.56 -4.40
C LEU B 259 2.89 2.58 -4.12
N GLY B 260 2.76 1.52 -4.93
CA GLY B 260 1.90 0.39 -4.60
C GLY B 260 0.42 0.55 -4.85
N ARG B 261 -0.01 1.60 -5.53
CA ARG B 261 -1.43 1.86 -5.72
C ARG B 261 -1.99 1.03 -6.87
N ARG B 262 -3.26 0.66 -6.75
CA ARG B 262 -4.02 0.15 -7.87
C ARG B 262 -4.68 1.31 -8.60
N ALA B 263 -4.48 1.42 -9.90
CA ALA B 263 -4.92 2.64 -10.59
C ALA B 263 -5.37 2.33 -12.01
N TRP B 264 -6.25 3.18 -12.53
CA TRP B 264 -6.66 3.18 -13.93
C TRP B 264 -6.54 4.60 -14.48
N ASN B 265 -5.94 4.75 -15.66
CA ASN B 265 -5.87 6.03 -16.35
C ASN B 265 -6.93 6.03 -17.45
N ILE B 266 -7.87 6.98 -17.36
CA ILE B 266 -9.01 6.98 -18.28
C ILE B 266 -9.22 8.34 -18.93
N GLY B 267 -8.22 9.21 -18.86
CA GLY B 267 -8.34 10.56 -19.34
C GLY B 267 -7.75 10.81 -20.71
N PRO B 268 -7.87 12.05 -21.21
CA PRO B 268 -8.58 13.17 -20.59
C PRO B 268 -10.09 12.96 -20.67
N VAL B 269 -10.77 13.04 -19.53
CA VAL B 269 -12.18 12.62 -19.49
C VAL B 269 -13.10 13.59 -20.21
N SER B 270 -12.67 14.84 -20.44
CA SER B 270 -13.51 15.79 -21.15
C SER B 270 -13.67 15.45 -22.64
N LEU B 271 -12.79 14.64 -23.21
CA LEU B 271 -12.94 14.26 -24.62
C LEU B 271 -14.11 13.33 -24.85
N CYS B 272 -14.78 12.86 -23.79
CA CYS B 272 -15.91 11.94 -23.96
C CYS B 272 -17.00 12.54 -24.84
N ASN B 273 -17.38 13.79 -24.58
CA ASN B 273 -18.43 14.43 -25.38
C ASN B 273 -18.00 14.60 -26.83
N ARG B 274 -16.70 14.70 -27.09
CA ARG B 274 -16.23 15.05 -28.42
C ARG B 274 -15.55 13.86 -29.09
N GLU B 290 -19.63 30.43 -33.46
CA GLU B 290 -20.53 31.55 -33.28
C GLU B 290 -20.29 32.26 -31.94
N HIS B 291 -19.04 32.68 -31.72
CA HIS B 291 -18.66 33.39 -30.50
C HIS B 291 -17.74 34.56 -30.86
N GLU B 292 -17.93 35.67 -30.16
CA GLU B 292 -17.30 36.94 -30.55
C GLU B 292 -15.77 36.83 -30.61
N CYS B 293 -15.15 36.40 -29.51
CA CYS B 293 -13.69 36.36 -29.48
C CYS B 293 -13.13 35.36 -30.49
N LEU B 294 -13.90 34.33 -30.84
CA LEU B 294 -13.46 33.44 -31.92
C LEU B 294 -13.47 34.15 -33.26
N LYS B 295 -14.50 34.95 -33.52
CA LYS B 295 -14.54 35.76 -34.74
C LYS B 295 -13.38 36.75 -34.75
N TRP B 296 -13.02 37.27 -33.59
CA TRP B 296 -11.82 38.11 -33.47
C TRP B 296 -10.58 37.34 -33.92
N LEU B 297 -10.42 36.11 -33.40
CA LEU B 297 -9.26 35.29 -33.72
C LEU B 297 -9.21 34.86 -35.18
N ASN B 298 -10.36 34.79 -35.86
CA ASN B 298 -10.41 34.30 -37.23
C ASN B 298 -9.47 35.06 -38.16
N SER B 299 -9.27 36.36 -37.94
CA SER B 299 -8.45 37.17 -38.82
C SER B 299 -6.98 37.22 -38.41
N LYS B 300 -6.46 36.18 -37.77
CA LYS B 300 -5.07 36.20 -37.29
C LYS B 300 -4.29 35.01 -37.83
N LYS B 301 -2.98 35.20 -37.93
CA LYS B 301 -2.06 34.15 -38.36
C LYS B 301 -1.99 33.00 -37.36
N LYS B 302 -1.62 31.83 -37.87
CA LYS B 302 -1.47 30.64 -37.04
C LYS B 302 -0.43 30.86 -35.95
N ASN B 303 -0.78 30.45 -34.73
CA ASN B 303 0.15 30.42 -33.59
C ASN B 303 0.71 31.81 -33.26
N SER B 304 -0.13 32.84 -33.36
CA SER B 304 0.35 34.20 -33.13
C SER B 304 -0.25 34.88 -31.90
N VAL B 305 -1.30 34.32 -31.30
CA VAL B 305 -1.99 34.96 -30.18
C VAL B 305 -1.74 34.18 -28.90
N ILE B 306 -1.52 34.91 -27.80
CA ILE B 306 -1.32 34.32 -26.48
C ILE B 306 -2.63 34.37 -25.71
N TYR B 307 -3.02 33.26 -25.11
CA TYR B 307 -4.20 33.19 -24.25
C TYR B 307 -3.75 33.14 -22.79
N ILE B 308 -4.31 34.03 -21.97
CA ILE B 308 -3.98 34.14 -20.55
C ILE B 308 -5.25 33.90 -19.74
N CYS B 309 -5.23 32.92 -18.85
CA CYS B 309 -6.36 32.64 -17.97
C CYS B 309 -5.88 31.87 -16.76
N PHE B 310 -6.42 32.22 -15.59
CA PHE B 310 -5.91 31.67 -14.34
C PHE B 310 -6.95 30.81 -13.61
N GLY B 311 -7.81 30.13 -14.35
CA GLY B 311 -8.69 29.14 -13.76
C GLY B 311 -10.09 29.68 -13.50
N SER B 312 -10.96 28.76 -13.08
CA SER B 312 -12.39 29.07 -12.94
C SER B 312 -12.62 30.15 -11.89
N THR B 313 -11.89 30.10 -10.78
CA THR B 313 -11.97 31.11 -9.73
C THR B 313 -10.59 31.72 -9.58
N ALA B 314 -10.46 32.99 -9.97
CA ALA B 314 -9.20 33.69 -9.93
C ALA B 314 -9.28 34.78 -8.87
N HIS B 315 -8.47 34.64 -7.82
CA HIS B 315 -8.28 35.67 -6.80
C HIS B 315 -7.02 36.44 -7.19
N GLN B 316 -7.19 37.56 -7.88
CA GLN B 316 -6.06 38.26 -8.47
C GLN B 316 -6.15 39.75 -8.19
N ILE B 317 -5.05 40.31 -7.69
CA ILE B 317 -5.02 41.66 -7.14
C ILE B 317 -4.58 42.66 -8.21
N ALA B 318 -4.93 43.93 -7.96
CA ALA B 318 -4.66 44.99 -8.92
C ALA B 318 -3.19 45.17 -9.27
N PRO B 319 -2.23 45.19 -8.33
CA PRO B 319 -0.83 45.38 -8.74
C PRO B 319 -0.33 44.29 -9.68
N GLN B 320 -0.76 43.04 -9.47
CA GLN B 320 -0.36 41.97 -10.36
C GLN B 320 -0.94 42.16 -11.75
N LEU B 321 -2.22 42.51 -11.83
CA LEU B 321 -2.84 42.77 -13.13
C LEU B 321 -2.13 43.92 -13.85
N TYR B 322 -1.70 44.93 -13.11
CA TYR B 322 -0.99 46.04 -13.72
C TYR B 322 0.33 45.58 -14.31
N GLU B 323 1.10 44.78 -13.56
CA GLU B 323 2.34 44.26 -14.11
C GLU B 323 2.09 43.43 -15.37
N ILE B 324 1.02 42.63 -15.36
CA ILE B 324 0.70 41.81 -16.53
C ILE B 324 0.39 42.70 -17.73
N ALA B 325 -0.38 43.77 -17.52
CA ALA B 325 -0.74 44.66 -18.63
C ALA B 325 0.49 45.34 -19.22
N MET B 326 1.36 45.85 -18.34
CA MET B 326 2.60 46.43 -18.83
C MET B 326 3.41 45.43 -19.63
N ALA B 327 3.48 44.18 -19.14
CA ALA B 327 4.25 43.16 -19.85
C ALA B 327 3.64 42.83 -21.20
N LEU B 328 2.31 42.74 -21.26
CA LEU B 328 1.67 42.40 -22.52
C LEU B 328 1.95 43.46 -23.56
N GLU B 329 1.81 44.73 -23.19
CA GLU B 329 2.09 45.79 -24.16
C GLU B 329 3.57 45.82 -24.53
N ALA B 330 4.47 45.66 -23.56
CA ALA B 330 5.90 45.72 -23.87
C ALA B 330 6.34 44.56 -24.75
N SER B 331 5.67 43.40 -24.63
CA SER B 331 6.12 42.22 -25.38
C SER B 331 5.80 42.35 -26.86
N GLY B 332 4.77 43.11 -27.21
CA GLY B 332 4.34 43.24 -28.59
C GLY B 332 3.50 42.10 -29.11
N GLN B 333 3.33 41.03 -28.35
CA GLN B 333 2.53 39.90 -28.82
C GLN B 333 1.05 40.20 -28.69
N GLU B 334 0.27 39.71 -29.64
CA GLU B 334 -1.18 39.78 -29.56
C GLU B 334 -1.73 38.77 -28.56
N PHE B 335 -2.86 39.09 -27.95
CA PHE B 335 -3.28 38.34 -26.78
C PHE B 335 -4.78 38.37 -26.56
N ILE B 336 -5.28 37.31 -25.94
CA ILE B 336 -6.60 37.29 -25.31
C ILE B 336 -6.39 37.11 -23.81
N TRP B 337 -6.87 38.08 -23.03
CA TRP B 337 -6.61 38.14 -21.59
C TRP B 337 -7.94 38.04 -20.84
N VAL B 338 -8.11 36.98 -20.06
CA VAL B 338 -9.35 36.73 -19.32
C VAL B 338 -9.14 37.24 -17.91
N VAL B 339 -9.94 38.23 -17.50
CA VAL B 339 -9.85 38.82 -16.17
C VAL B 339 -11.18 38.61 -15.46
N ARG B 340 -11.14 38.32 -14.17
CA ARG B 340 -12.36 38.09 -13.42
C ARG B 340 -13.20 39.36 -13.29
N ASP B 350 -10.92 51.07 -13.46
CA ASP B 350 -10.01 50.27 -14.28
C ASP B 350 -8.60 50.84 -14.25
N ASP B 351 -8.48 52.15 -14.02
CA ASP B 351 -7.17 52.76 -13.81
C ASP B 351 -6.49 52.27 -12.53
N SER B 352 -7.21 51.55 -11.67
CA SER B 352 -6.59 50.90 -10.53
C SER B 352 -5.68 49.74 -10.92
N TRP B 353 -5.76 49.25 -12.15
CA TRP B 353 -4.89 48.17 -12.61
C TRP B 353 -4.55 48.29 -14.09
N LEU B 354 -5.22 49.19 -14.82
CA LEU B 354 -4.85 49.32 -16.22
C LEU B 354 -4.10 50.63 -16.44
N PRO B 355 -3.03 50.61 -17.25
CA PRO B 355 -2.40 51.88 -17.65
C PRO B 355 -3.36 52.71 -18.48
N ARG B 356 -3.18 54.04 -18.38
CA ARG B 356 -4.07 54.95 -19.08
C ARG B 356 -3.98 54.76 -20.59
N GLY B 357 -5.14 54.64 -21.23
CA GLY B 357 -5.20 54.42 -22.66
C GLY B 357 -4.84 53.03 -23.11
N PHE B 358 -4.75 52.07 -22.19
CA PHE B 358 -4.33 50.71 -22.54
C PHE B 358 -5.25 50.11 -23.59
N GLU B 359 -6.56 50.03 -23.29
CA GLU B 359 -7.51 49.35 -24.17
C GLU B 359 -7.54 49.97 -25.55
N GLN B 360 -7.37 51.29 -25.64
CA GLN B 360 -7.36 51.93 -26.95
C GLN B 360 -6.03 51.71 -27.65
N ARG B 361 -4.93 51.72 -26.89
CA ARG B 361 -3.62 51.57 -27.49
C ARG B 361 -3.38 50.16 -28.01
N VAL B 362 -4.14 49.17 -27.53
CA VAL B 362 -3.99 47.79 -27.97
C VAL B 362 -5.19 47.31 -28.76
N GLU B 363 -6.14 48.19 -29.07
CA GLU B 363 -7.34 47.79 -29.79
C GLU B 363 -6.98 47.09 -31.11
N GLY B 364 -7.74 46.05 -31.44
CA GLY B 364 -7.45 45.28 -32.64
C GLY B 364 -6.37 44.24 -32.45
N LYS B 365 -5.46 44.49 -31.50
CA LYS B 365 -4.36 43.59 -31.20
C LYS B 365 -4.57 42.78 -29.92
N GLY B 366 -5.12 43.38 -28.88
CA GLY B 366 -5.34 42.71 -27.61
C GLY B 366 -6.81 42.76 -27.21
N LEU B 367 -7.26 41.68 -26.58
CA LEU B 367 -8.66 41.54 -26.19
C LEU B 367 -8.76 41.13 -24.73
N ILE B 368 -9.56 41.87 -23.95
CA ILE B 368 -9.81 41.56 -22.55
C ILE B 368 -11.22 41.00 -22.43
N ILE B 369 -11.34 39.84 -21.81
CA ILE B 369 -12.63 39.20 -21.55
C ILE B 369 -12.93 39.33 -20.07
N ARG B 370 -14.11 39.84 -19.76
CA ARG B 370 -14.52 39.99 -18.37
C ARG B 370 -15.37 38.83 -17.88
N GLY B 371 -16.08 38.15 -18.78
CA GLY B 371 -16.93 37.04 -18.42
C GLY B 371 -16.24 35.70 -18.45
N TRP B 372 -17.05 34.65 -18.51
CA TRP B 372 -16.57 33.29 -18.65
C TRP B 372 -16.18 33.05 -20.11
N ALA B 373 -14.88 32.69 -20.34
CA ALA B 373 -14.44 32.54 -21.73
C ALA B 373 -14.57 31.10 -22.18
N PRO B 374 -14.75 30.88 -23.48
CA PRO B 374 -14.76 29.49 -24.02
C PRO B 374 -13.33 28.96 -24.19
N GLN B 375 -12.78 28.45 -23.08
CA GLN B 375 -11.34 28.19 -23.02
C GLN B 375 -10.92 27.16 -24.06
N VAL B 376 -11.66 26.07 -24.16
CA VAL B 376 -11.27 25.00 -25.08
C VAL B 376 -11.33 25.48 -26.52
N LEU B 377 -12.44 26.14 -26.89
CA LEU B 377 -12.58 26.64 -28.26
C LEU B 377 -11.48 27.64 -28.62
N ILE B 378 -11.07 28.48 -27.66
CA ILE B 378 -9.98 29.42 -27.92
C ILE B 378 -8.67 28.66 -28.09
N LEU B 379 -8.37 27.75 -27.16
CA LEU B 379 -7.10 27.03 -27.19
C LEU B 379 -6.94 26.24 -28.46
N GLU B 380 -8.02 25.71 -28.99
CA GLU B 380 -7.96 24.89 -30.20
C GLU B 380 -8.09 25.70 -31.48
N HIS B 381 -8.31 27.01 -31.39
CA HIS B 381 -8.25 27.87 -32.57
C HIS B 381 -6.82 27.94 -33.11
N GLU B 382 -6.70 27.99 -34.44
CA GLU B 382 -5.39 27.98 -35.08
C GLU B 382 -4.52 29.16 -34.69
N ALA B 383 -5.14 30.30 -34.35
CA ALA B 383 -4.38 31.51 -34.08
C ALA B 383 -3.65 31.48 -32.75
N ILE B 384 -4.08 30.63 -31.81
CA ILE B 384 -3.56 30.63 -30.45
C ILE B 384 -2.30 29.78 -30.40
N GLY B 385 -1.17 30.42 -30.07
CA GLY B 385 0.10 29.73 -30.05
C GLY B 385 0.65 29.46 -28.66
N ALA B 386 0.05 30.04 -27.62
CA ALA B 386 0.59 29.89 -26.28
C ALA B 386 -0.51 30.11 -25.24
N PHE B 387 -0.23 29.67 -24.00
CA PHE B 387 -1.23 29.64 -22.94
C PHE B 387 -0.55 29.96 -21.61
N VAL B 388 -0.85 31.13 -21.05
CA VAL B 388 -0.42 31.50 -19.70
C VAL B 388 -1.44 30.95 -18.70
N THR B 389 -0.99 30.05 -17.82
CA THR B 389 -1.89 29.27 -16.99
C THR B 389 -1.36 29.17 -15.57
N HIS B 390 -2.26 28.88 -14.63
CA HIS B 390 -1.86 28.63 -13.26
C HIS B 390 -1.52 27.16 -13.02
N CYS B 391 -1.58 26.33 -14.05
CA CYS B 391 -1.22 24.91 -14.01
C CYS B 391 -2.21 24.06 -13.23
N GLY B 392 -3.44 24.53 -13.03
CA GLY B 392 -4.49 23.61 -12.60
C GLY B 392 -4.55 22.45 -13.58
N TRP B 393 -4.90 21.26 -13.08
CA TRP B 393 -4.77 20.11 -13.96
C TRP B 393 -5.77 20.13 -15.10
N ASN B 394 -6.98 20.63 -14.88
CA ASN B 394 -7.95 20.67 -15.98
C ASN B 394 -7.47 21.60 -17.08
N SER B 395 -6.94 22.78 -16.71
CA SER B 395 -6.39 23.68 -17.72
C SER B 395 -5.14 23.11 -18.36
N THR B 396 -4.24 22.53 -17.55
CA THR B 396 -3.03 21.94 -18.13
C THR B 396 -3.38 20.89 -19.18
N LEU B 397 -4.34 20.02 -18.85
CA LEU B 397 -4.76 18.97 -19.78
C LEU B 397 -5.41 19.56 -21.03
N GLU B 398 -6.17 20.65 -20.88
CA GLU B 398 -6.72 21.30 -22.06
C GLU B 398 -5.62 21.86 -22.96
N GLY B 399 -4.59 22.47 -22.35
CA GLY B 399 -3.45 22.92 -23.12
C GLY B 399 -2.74 21.78 -23.84
N ILE B 400 -2.53 20.67 -23.13
CA ILE B 400 -1.89 19.50 -23.72
C ILE B 400 -2.71 18.99 -24.90
N THR B 401 -4.02 18.86 -24.70
CA THR B 401 -4.89 18.29 -25.72
C THR B 401 -5.00 19.21 -26.94
N ALA B 402 -4.93 20.53 -26.74
CA ALA B 402 -4.94 21.44 -27.87
C ALA B 402 -3.58 21.58 -28.53
N GLY B 403 -2.54 20.99 -27.95
CA GLY B 403 -1.18 21.10 -28.45
C GLY B 403 -0.61 22.50 -28.32
N VAL B 404 -0.88 23.19 -27.21
CA VAL B 404 -0.51 24.58 -27.03
C VAL B 404 0.55 24.67 -25.95
N PRO B 405 1.74 25.22 -26.24
CA PRO B 405 2.75 25.39 -25.18
C PRO B 405 2.29 26.43 -24.17
N MET B 406 2.85 26.33 -22.96
CA MET B 406 2.28 27.06 -21.84
C MET B 406 3.35 27.84 -21.08
N VAL B 407 2.99 29.05 -20.66
CA VAL B 407 3.73 29.78 -19.62
C VAL B 407 3.13 29.37 -18.29
N THR B 408 3.95 28.81 -17.40
CA THR B 408 3.48 28.24 -16.16
C THR B 408 3.59 29.24 -15.02
N TRP B 409 2.48 29.45 -14.32
CA TRP B 409 2.38 30.43 -13.23
C TRP B 409 1.67 29.76 -12.06
N PRO B 410 2.32 28.80 -11.41
CA PRO B 410 1.66 28.05 -10.32
C PRO B 410 1.42 28.95 -9.10
N ILE B 411 0.31 28.69 -8.41
CA ILE B 411 -0.08 29.51 -7.26
C ILE B 411 -0.14 28.70 -5.97
N PHE B 412 -0.93 27.64 -5.95
CA PHE B 412 -1.11 26.84 -4.73
C PHE B 412 -1.48 25.40 -5.13
N ALA B 413 -2.04 24.66 -4.18
CA ALA B 413 -2.51 23.27 -4.38
C ALA B 413 -1.31 22.47 -4.92
N GLU B 414 -1.50 21.63 -5.92
CA GLU B 414 -0.43 20.82 -6.48
C GLU B 414 0.19 21.43 -7.74
N GLN B 415 0.00 22.73 -7.93
CA GLN B 415 0.34 23.38 -9.21
C GLN B 415 1.83 23.45 -9.45
N PHE B 416 2.67 23.51 -8.41
CA PHE B 416 4.11 23.57 -8.65
C PHE B 416 4.62 22.22 -9.18
N TYR B 417 4.00 21.13 -8.74
CA TYR B 417 4.33 19.82 -9.29
C TYR B 417 3.92 19.72 -10.76
N ASN B 418 2.70 20.17 -11.08
CA ASN B 418 2.26 20.24 -12.47
C ASN B 418 3.20 21.10 -13.30
N GLU B 419 3.69 22.21 -12.74
CA GLU B 419 4.65 23.04 -13.46
C GLU B 419 5.90 22.24 -13.81
N LYS B 420 6.40 21.43 -12.86
CA LYS B 420 7.56 20.60 -13.15
C LYS B 420 7.25 19.59 -14.24
N LEU B 421 6.06 18.98 -14.20
CA LEU B 421 5.69 18.05 -15.27
C LEU B 421 5.73 18.74 -16.63
N VAL B 422 5.15 19.94 -16.69
CA VAL B 422 5.03 20.67 -17.96
C VAL B 422 6.41 21.10 -18.47
N ASN B 423 7.24 21.66 -17.59
CA ASN B 423 8.47 22.30 -18.02
C ASN B 423 9.60 21.29 -18.17
N GLN B 424 9.82 20.46 -17.16
CA GLN B 424 10.97 19.58 -17.13
C GLN B 424 10.71 18.22 -17.79
N ILE B 425 9.49 17.69 -17.72
CA ILE B 425 9.30 16.32 -18.22
C ILE B 425 8.71 16.35 -19.62
N LEU B 426 7.56 17.02 -19.78
CA LEU B 426 6.96 17.15 -21.12
C LEU B 426 7.74 18.13 -21.99
N LYS B 427 8.42 19.10 -21.37
CA LYS B 427 9.20 20.12 -22.08
C LYS B 427 8.34 20.88 -23.09
N ILE B 428 7.17 21.32 -22.63
CA ILE B 428 6.31 22.15 -23.45
C ILE B 428 6.00 23.50 -22.78
N GLY B 429 6.81 23.92 -21.81
CA GLY B 429 6.49 25.15 -21.10
C GLY B 429 7.71 25.97 -20.72
N VAL B 430 7.41 27.19 -20.25
CA VAL B 430 8.40 28.16 -19.83
C VAL B 430 7.92 28.70 -18.48
N PRO B 431 8.74 28.63 -17.42
CA PRO B 431 8.31 29.21 -16.14
C PRO B 431 8.26 30.73 -16.19
N VAL B 432 7.23 31.31 -15.58
CA VAL B 432 7.21 32.75 -15.42
C VAL B 432 8.13 33.21 -14.29
N GLY B 433 8.51 32.31 -13.38
CA GLY B 433 9.36 32.66 -12.25
C GLY B 433 8.68 32.68 -10.90
N ALA B 434 7.38 32.43 -10.82
CA ALA B 434 6.69 32.39 -9.53
C ALA B 434 7.10 31.12 -8.78
N ASN B 435 7.52 31.28 -7.52
CA ASN B 435 7.93 30.12 -6.74
C ASN B 435 7.39 30.17 -5.30
N LYS B 436 6.31 30.90 -5.05
CA LYS B 436 5.78 31.06 -3.70
C LYS B 436 4.41 30.42 -3.62
N TRP B 437 4.32 29.31 -2.86
CA TRP B 437 3.03 28.67 -2.59
C TRP B 437 2.24 29.57 -1.66
N SER B 438 1.04 29.97 -2.09
CA SER B 438 0.16 30.77 -1.25
C SER B 438 -1.23 30.83 -1.85
N ARG B 439 -2.27 30.62 -1.04
CA ARG B 439 -3.64 30.78 -1.52
C ARG B 439 -3.85 32.20 -2.03
N GLU B 440 -3.58 33.19 -1.20
CA GLU B 440 -3.66 34.59 -1.57
C GLU B 440 -2.25 35.14 -1.81
N THR B 441 -2.17 36.15 -2.67
CA THR B 441 -0.89 36.73 -3.07
C THR B 441 -0.57 37.96 -2.23
N SER B 442 0.60 37.97 -1.61
CA SER B 442 1.10 39.14 -0.94
C SER B 442 1.72 40.09 -1.96
N ILE B 443 1.65 41.39 -1.66
CA ILE B 443 2.20 42.39 -2.58
C ILE B 443 3.68 42.17 -2.78
N GLU B 444 4.37 41.64 -1.76
CA GLU B 444 5.80 41.38 -1.86
C GLU B 444 6.11 40.32 -2.91
N ASP B 445 5.10 39.55 -3.34
CA ASP B 445 5.32 38.41 -4.22
C ASP B 445 4.79 38.65 -5.62
N VAL B 446 4.35 39.87 -5.93
CA VAL B 446 3.87 40.15 -7.28
C VAL B 446 4.99 39.88 -8.26
N ILE B 447 4.67 39.22 -9.36
CA ILE B 447 5.63 38.99 -10.43
C ILE B 447 5.74 40.26 -11.26
N LYS B 448 6.95 40.77 -11.43
CA LYS B 448 7.16 42.05 -12.08
C LYS B 448 7.07 41.91 -13.59
N LYS B 449 6.82 43.04 -14.26
CA LYS B 449 6.58 43.03 -15.70
C LYS B 449 7.78 42.53 -16.48
N ASP B 450 8.99 42.69 -15.96
CA ASP B 450 10.17 42.23 -16.70
C ASP B 450 10.17 40.72 -16.85
N ALA B 451 9.97 39.99 -15.75
CA ALA B 451 9.93 38.53 -15.80
C ALA B 451 8.80 38.03 -16.69
N ILE B 452 7.62 38.65 -16.56
CA ILE B 452 6.46 38.25 -17.36
C ILE B 452 6.74 38.46 -18.84
N GLU B 453 7.29 39.63 -19.20
CA GLU B 453 7.58 39.93 -20.60
C GLU B 453 8.60 38.97 -21.16
N LYS B 454 9.63 38.66 -20.38
CA LYS B 454 10.62 37.68 -20.81
C LYS B 454 9.97 36.34 -21.14
N ALA B 455 9.04 35.90 -20.28
CA ALA B 455 8.38 34.61 -20.53
C ALA B 455 7.47 34.68 -21.75
N LEU B 456 6.72 35.77 -21.90
CA LEU B 456 5.83 35.91 -23.06
C LEU B 456 6.62 35.89 -24.36
N ARG B 457 7.81 36.50 -24.36
CA ARG B 457 8.64 36.48 -25.55
C ARG B 457 9.19 35.07 -25.80
N GLU B 458 9.73 34.44 -24.76
CA GLU B 458 10.30 33.10 -24.93
C GLU B 458 9.27 32.09 -25.43
N ILE B 459 8.02 32.17 -24.98
CA ILE B 459 7.05 31.15 -25.37
C ILE B 459 6.65 31.29 -26.83
N MET B 460 6.82 32.48 -27.41
CA MET B 460 6.39 32.76 -28.77
C MET B 460 7.52 32.71 -29.79
N VAL B 461 8.66 33.34 -29.48
CA VAL B 461 9.74 33.50 -30.45
C VAL B 461 11.08 33.02 -29.92
N GLY B 462 11.17 32.51 -28.70
CA GLY B 462 12.44 32.03 -28.20
C GLY B 462 13.01 30.91 -29.05
N ASP B 463 14.24 30.51 -28.70
CA ASP B 463 14.95 29.52 -29.51
C ASP B 463 14.24 28.17 -29.54
N GLU B 464 13.85 27.67 -28.38
CA GLU B 464 13.15 26.40 -28.28
C GLU B 464 11.65 26.51 -28.53
N ALA B 465 11.15 27.67 -28.96
CA ALA B 465 9.71 27.86 -29.03
C ALA B 465 9.05 26.91 -30.02
N GLU B 466 9.67 26.74 -31.19
CA GLU B 466 9.11 25.83 -32.18
C GLU B 466 9.26 24.39 -31.73
N GLU B 467 10.35 24.08 -31.01
CA GLU B 467 10.52 22.73 -30.49
C GLU B 467 9.44 22.41 -29.47
N ARG B 468 9.10 23.38 -28.60
CA ARG B 468 7.99 23.19 -27.68
C ARG B 468 6.68 23.00 -28.41
N ARG B 469 6.44 23.80 -29.46
CA ARG B 469 5.21 23.63 -30.24
C ARG B 469 5.12 22.22 -30.82
N SER B 470 6.22 21.71 -31.39
CA SER B 470 6.21 20.38 -31.98
C SER B 470 5.93 19.31 -30.94
N ARG B 471 6.61 19.38 -29.78
CA ARG B 471 6.38 18.39 -28.73
C ARG B 471 4.91 18.40 -28.29
N ALA B 472 4.27 19.56 -28.27
CA ALA B 472 2.89 19.65 -27.81
C ALA B 472 1.91 19.05 -28.81
N LYS B 473 2.21 19.14 -30.12
CA LYS B 473 1.35 18.51 -31.11
C LYS B 473 1.37 16.99 -31.02
N LYS B 474 2.55 16.42 -30.70
CA LYS B 474 2.65 14.98 -30.48
C LYS B 474 1.74 14.56 -29.34
N LEU B 475 1.81 15.28 -28.22
CA LEU B 475 0.97 14.95 -27.07
C LEU B 475 -0.52 15.06 -27.43
N LYS B 476 -0.89 16.05 -28.25
CA LYS B 476 -2.28 16.19 -28.66
C LYS B 476 -2.76 14.95 -29.41
N GLU B 477 -1.96 14.48 -30.38
CA GLU B 477 -2.34 13.25 -31.09
C GLU B 477 -2.43 12.06 -30.15
N MET B 478 -1.48 11.94 -29.22
CA MET B 478 -1.52 10.84 -28.26
C MET B 478 -2.75 10.93 -27.36
N ALA B 479 -3.15 12.13 -26.98
CA ALA B 479 -4.31 12.31 -26.12
C ALA B 479 -5.58 11.83 -26.81
N TRP B 480 -5.81 12.28 -28.04
CA TRP B 480 -7.01 11.83 -28.75
C TRP B 480 -6.97 10.33 -29.00
N LYS B 481 -5.78 9.77 -29.26
CA LYS B 481 -5.73 8.33 -29.51
C LYS B 481 -5.95 7.52 -28.23
N ALA B 482 -5.59 8.05 -27.07
CA ALA B 482 -5.79 7.29 -25.83
C ALA B 482 -7.28 7.04 -25.56
N VAL B 483 -8.16 7.97 -25.92
CA VAL B 483 -9.55 7.86 -25.52
C VAL B 483 -10.41 7.16 -26.57
N GLU B 484 -9.92 6.99 -27.79
CA GLU B 484 -10.63 6.27 -28.83
C GLU B 484 -10.53 4.76 -28.61
N GLU B 485 -11.47 4.03 -29.21
CA GLU B 485 -11.46 2.57 -29.15
C GLU B 485 -10.08 2.03 -29.47
N GLY B 486 -9.57 1.18 -28.59
CA GLY B 486 -8.22 0.66 -28.71
C GLY B 486 -7.17 1.44 -27.94
N GLY B 487 -7.47 2.68 -27.52
CA GLY B 487 -6.48 3.46 -26.79
C GLY B 487 -6.29 2.99 -25.35
N SER B 488 -5.19 3.45 -24.75
CA SER B 488 -4.87 3.10 -23.37
C SER B 488 -6.00 3.46 -22.40
N SER B 489 -6.58 4.66 -22.54
CA SER B 489 -7.60 5.09 -21.59
C SER B 489 -8.92 4.36 -21.80
N TYR B 490 -9.34 4.24 -23.07
CA TYR B 490 -10.48 3.38 -23.41
C TYR B 490 -10.31 1.98 -22.83
N SER B 491 -9.13 1.38 -23.03
CA SER B 491 -8.91 0.01 -22.58
C SER B 491 -8.93 -0.07 -21.06
N ASP B 492 -8.34 0.91 -20.39
CA ASP B 492 -8.34 0.88 -18.93
C ASP B 492 -9.76 1.03 -18.38
N LEU B 493 -10.59 1.85 -19.02
CA LEU B 493 -11.97 1.95 -18.57
C LEU B 493 -12.70 0.62 -18.75
N SER B 494 -12.52 -0.02 -19.92
CA SER B 494 -13.11 -1.34 -20.12
C SER B 494 -12.65 -2.33 -19.05
N ALA B 495 -11.35 -2.34 -18.75
CA ALA B 495 -10.83 -3.26 -17.75
C ALA B 495 -11.40 -2.99 -16.37
N LEU B 496 -11.51 -1.71 -15.99
CA LEU B 496 -12.09 -1.37 -14.69
C LEU B 496 -13.53 -1.84 -14.60
N ILE B 497 -14.31 -1.63 -15.66
CA ILE B 497 -15.72 -2.02 -15.60
C ILE B 497 -15.85 -3.53 -15.49
N GLU B 498 -15.02 -4.28 -16.23
CA GLU B 498 -15.08 -5.74 -16.13
C GLU B 498 -14.67 -6.20 -14.73
N GLU B 499 -13.62 -5.59 -14.16
CA GLU B 499 -13.18 -5.94 -12.83
C GLU B 499 -14.27 -5.64 -11.80
N LEU B 500 -14.99 -4.54 -11.98
CA LEU B 500 -16.09 -4.24 -11.07
C LEU B 500 -17.22 -5.25 -11.22
N ARG B 501 -17.49 -5.69 -12.45
CA ARG B 501 -18.49 -6.72 -12.65
C ARG B 501 -18.12 -8.00 -11.90
N GLY B 502 -16.83 -8.34 -11.90
CA GLY B 502 -16.42 -9.58 -11.26
C GLY B 502 -16.22 -9.53 -9.76
N TYR B 503 -16.34 -8.37 -9.13
CA TYR B 503 -16.05 -8.24 -7.71
C TYR B 503 -17.03 -9.06 -6.89
N HIS B 504 -16.50 -9.95 -6.06
CA HIS B 504 -17.31 -10.86 -5.24
C HIS B 504 -18.41 -11.56 -6.05
C1 EDO C . 0.41 -22.24 7.87
O1 EDO C . 1.38 -22.17 6.82
C2 EDO C . 0.96 -22.98 9.08
O2 EDO C . 1.16 -24.37 8.76
CAA O4B D . 7.68 -1.60 -3.79
OAM O4B D . 6.64 -1.37 -2.88
CAC O4B D . 5.40 -1.76 -3.39
CAD O4B D . 4.34 -1.53 -2.31
OAO O4B D . 4.30 -0.18 -1.93
CAG O4B D . 3.55 -0.10 -0.75
CAH O4B D . 3.41 1.36 -0.32
OAQ O4B D . 4.66 1.95 -0.23
CAK O4B D . 4.58 3.19 0.40
CAL O4B D . 5.99 3.67 0.72
OAR O4B D . 6.83 3.47 -0.37
CAJ O4B D . 8.01 4.18 -0.19
CAI O4B D . 8.98 3.95 -1.36
OAP O4B D . 9.16 2.58 -1.58
CAF O4B D . 10.00 2.39 -2.69
CAE O4B D . 10.18 0.89 -2.90
OAN O4B D . 8.97 0.36 -3.33
CAB O4B D . 8.98 -1.03 -3.23
K K E . 6.74 1.11 -1.77
C1 U2F F . 4.22 -23.73 10.65
O1 U2F F . 5.28 -24.23 11.34
PB U2F F . 5.01 -25.23 12.65
O1B U2F F . 4.00 -26.30 12.38
O2B U2F F . 4.62 -24.40 13.84
O3A U2F F . 6.49 -25.85 13.03
PA U2F F . 7.53 -24.91 13.93
O1A U2F F . 7.56 -23.47 13.48
O2A U2F F . 8.90 -25.56 13.83
O5' U2F F . 6.96 -24.90 15.48
C5' U2F F . 7.12 -26.09 16.24
C4' U2F F . 6.61 -25.72 17.62
O4' U2F F . 6.06 -27.05 18.34
C1' U2F F . 6.85 -27.29 19.35
C2' U2F F . 8.07 -26.37 19.21
C3' U2F F . 7.55 -25.21 18.35
O3' U2F F . 6.99 -24.17 19.27
O2' U2F F . 8.40 -25.87 20.45
N1 U2F F . 7.21 -28.75 19.37
C6' U2F F . 7.45 -29.37 20.70
O6' U2F F . 7.37 -28.70 21.66
N3 U2F F . 7.80 -30.82 20.77
C7' U2F F . 7.88 -31.62 19.57
O7' U2F F . 8.16 -32.78 19.65
C8' U2F F . 7.62 -30.98 18.24
C9' U2F F . 7.28 -29.54 18.15
C2 U2F F . 4.73 -23.48 9.25
F1 U2F F . 5.19 -24.70 8.75
C3 U2F F . 5.89 -22.56 9.34
O3 U2F F . 6.38 -22.37 8.00
C4 U2F F . 5.49 -21.23 9.95
O4 U2F F . 6.65 -20.36 10.06
C5 U2F F . 4.86 -21.45 11.33
C6 U2F F . 4.30 -20.14 11.85
O6 U2F F . 3.69 -19.46 10.78
O5 U2F F . 3.78 -22.46 11.29
C1 U2F G . -8.42 23.32 -9.13
O1 U2F G . -8.22 23.87 -10.36
PB U2F G . -9.30 24.93 -10.99
O1B U2F G . -10.62 24.28 -11.19
O2B U2F G . -9.43 26.15 -10.09
O3A U2F G . -8.66 25.46 -12.42
PA U2F G . -8.52 24.46 -13.74
O1A U2F G . -7.86 23.15 -13.44
O2A U2F G . -7.70 25.26 -14.70
O5' U2F G . -10.03 24.22 -14.37
C5' U2F G . -10.60 25.29 -15.12
C4' U2F G . -11.64 24.72 -16.07
O4' U2F G . -12.74 25.86 -16.36
C1' U2F G . -12.64 26.19 -17.61
C2' U2F G . -11.31 25.62 -18.11
C3' U2F G . -11.09 24.41 -17.20
O3' U2F G . -11.84 23.25 -17.79
O2' U2F G . -11.46 25.21 -19.39
N1 U2F G . -12.72 27.67 -17.76
C6' U2F G . -13.56 28.20 -18.87
O6' U2F G . -14.10 27.45 -19.59
N3 U2F G . -13.69 29.68 -19.06
C7' U2F G . -13.00 30.58 -18.15
O7' U2F G . -13.10 31.76 -18.30
C8' U2F G . -12.18 30.03 -17.04
C9' U2F G . -12.04 28.56 -16.85
C2 U2F G . -7.08 23.43 -8.44
F1 U2F G . -6.78 24.80 -8.32
C3 U2F G . -6.05 22.80 -9.30
O3 U2F G . -4.72 22.93 -8.72
C4 U2F G . -6.38 21.34 -9.54
O4 U2F G . -5.42 20.78 -10.45
C5 U2F G . -7.77 21.17 -10.14
C6 U2F G . -8.12 19.70 -10.14
O6 U2F G . -8.25 19.27 -8.80
O5 U2F G . -8.79 21.89 -9.36
#